data_8JXR
#
_entry.id   8JXR
#
_cell.length_a   1.00
_cell.length_b   1.00
_cell.length_c   1.00
_cell.angle_alpha   90.00
_cell.angle_beta   90.00
_cell.angle_gamma   90.00
#
_symmetry.space_group_name_H-M   'P 1'
#
loop_
_entity.id
_entity.type
_entity.pdbx_description
1 polymer 'D(1A) dopamine receptor'
2 polymer NBA3
3 polymer 'Maltose/maltodextrin-binding periplasmic protein,Immunoglobulin G-binding protein A,Immunoglobulin G-binding protein G'
4 polymer 'Fab 8D3 heavy chain'
5 polymer 'Fab 8D3 light chain'
6 branched alpha-D-glucopyranose-(1-4)-alpha-D-glucopyranose
7 non-polymer (8alpha)-N,N-diethyl-6-methyl-9,10-didehydroergoline-8-carboxamide
#
loop_
_entity_poly.entity_id
_entity_poly.type
_entity_poly.pdbx_seq_one_letter_code
_entity_poly.pdbx_strand_id
1 'polypeptide(L)'
;GTGLVVERDFSVRILTACFLSLLILSTLLGNTLVCAAVIRFRHLRSKVTNFFVISLAVSDLLVAVLVMPWKAVAEIAGFW
PFGSFCNIWVAFDIMCSTASIWNLCVISVDRYWAISSPFRYERKMTPKAAFILISVAWTLSVLISFIPVQLSWHKAKPTS
PSDGNATSLAETIDNCDSSLSRTYAISSSVISFYIPVAIMIVTYTRIYRIAQKQIRRIAALERAAVHAKNCQTTTGNGKP
VECSQPESSFKMSFKRETKVLKTLSVIMGVFVCCWLPFFILNCILPFCGSGETQPFCIDSNTFDVFVWFGWANSALNPII
YAFNADFRKAFSTLLGCYRLCPATNNAIETVS
;
A
2 'polypeptide(L)'
;QVQLQESGGGLVQAGGSLRLSCAASGSIFALNIMGWYRQAPGKQRELVAAIHSGGTTNYANSVKGRFTISRDNAANTVYL
QMNSLKPEDTAVYYCNVKDFGAIVADRDYWGQGTQVTVSSLEHHH
;
B
3 'polypeptide(L)'
;MGSSHHHHHHSSGLVPRGSHMKIEEGKLVIWINGDKGYNGLAEVGKKFEKDTGIKVTVEHPDKLEEKFPQVAATGDGPDI
IFWAHDRFGGYAQSGLLAEITPDKAFQDKLYPFTWDAVRYNGKLIAYPIAVEALSLIYNKDLLPNPPKTWEEIPALDKEL
KAKGKSALMFNLQEPYFTWPLIAADGGYAFKYENGKYDIKDVGVDNAGAKAGLTFLVDLIKNKHMNADTDYSIAEAAFNK
GETAMTINGPWAWSNIDTSKVNYGVTVLPTFKGQPSKPFVGVLSAGINAASPNKELAKEFLENYLLTDEGLEAVNKDKPL
GAVALKSYEEELAKDPRIAATMENAQKGEIMPNIPQMSAFWYAVRTAVINAASGRQTVDQALAFAQILIMPNLTEEQRNG
FIQSLKDDPSVSKEILAEAKKLNEHQAPKGGSGGAGSGDQQSAFYEILNMPNLNEAQRNGFIQSLKDDPSQSTNVLGEAK
KLNESQAGGGSGGGSGGSAVTTYKLVINGKTLKGETTTKAVDAETAEKAFKQYANDNGVDGVWTYDDATKTFTVTEGSG
;
C
4 'polypeptide(L)'
;MDWTWRVFCLLAVAPGAHSDVQLVESGGGLVQPGKSLRLSCAASGFTFSNFGMHWVRQAPEMGLEWVAYISSGSTTKYYG
DTVKGRFTISRDNPKNTLYLQMNSLRSEDTAMYYCARRPLYDGDYGYPMDYWGQGTSVTVSSASTKGPSVFPLAPSSKST
SGGTAALGCLVKDYFPEPVTVSWNSGALTSGVHTFPAVLQSSGLYSLSSVVTVPSSSLGTQTYICNVNHKPSNTKVDKKV
EPKSCGSHHHHHH
;
H
5 'polypeptide(L)'
;MVLQTQVFISLLLWISGAYGNIMLTQSPSSLAVSAGERVTMSCKSTQSILYNSNQKTYLAWYQQKPGQSPKLLIYWASTR
ASGVPDRFTGSGSGTDFTLTINSVQPEDLAVYYCHQYLSAWTFGGGTKLEIKRTVAAPSVFIFPPSDEQLKSGTASVVCL
LNNFYPREAKVQWKVDNALQSGNSQESVTEQDSKDSTYSLSSTLTLSKADYEKHKVYACEVTHQGLSSPVTKSFNRGEC
;
L
#
loop_
_chem_comp.id
_chem_comp.type
_chem_comp.name
_chem_comp.formula
7LD non-polymer (8alpha)-N,N-diethyl-6-methyl-9,10-didehydroergoline-8-carboxamide 'C20 H25 N3 O'
GLC D-saccharide, alpha linking alpha-D-glucopyranose 'C6 H12 O6'
#
# COMPACT_ATOMS: atom_id res chain seq x y z
N VAL A 12 17.74 -24.66 63.70
CA VAL A 12 18.11 -24.24 62.35
C VAL A 12 17.16 -24.82 61.32
N ARG A 13 16.54 -25.93 61.64
CA ARG A 13 15.58 -26.55 60.71
C ARG A 13 14.42 -25.59 60.49
N ILE A 14 13.98 -24.92 61.54
CA ILE A 14 12.90 -23.96 61.42
C ILE A 14 13.27 -22.86 60.45
N LEU A 15 14.49 -22.33 60.58
CA LEU A 15 14.95 -21.28 59.68
C LEU A 15 15.02 -21.79 58.25
N THR A 16 15.49 -23.02 58.06
CA THR A 16 15.56 -23.60 56.73
C THR A 16 14.16 -23.63 56.13
N ALA A 17 13.19 -24.08 56.91
CA ALA A 17 11.80 -24.13 56.42
C ALA A 17 11.32 -22.75 56.05
N CYS A 18 11.54 -21.76 56.91
CA CYS A 18 11.14 -20.40 56.62
C CYS A 18 11.69 -19.97 55.28
N PHE A 19 13.01 -20.07 55.10
CA PHE A 19 13.63 -19.65 53.86
C PHE A 19 13.07 -20.36 52.63
N LEU A 20 12.97 -21.67 52.70
CA LEU A 20 12.47 -22.44 51.56
C LEU A 20 11.04 -22.03 51.21
N SER A 21 10.21 -21.80 52.22
CA SER A 21 8.82 -21.42 51.96
C SER A 21 8.76 -20.03 51.35
N LEU A 22 9.63 -19.14 51.83
CA LEU A 22 9.67 -17.78 51.29
C LEU A 22 10.04 -17.85 49.83
N LEU A 23 10.98 -18.72 49.50
CA LEU A 23 11.39 -18.87 48.10
C LEU A 23 10.25 -19.38 47.23
N ILE A 24 9.54 -20.40 47.71
CA ILE A 24 8.42 -20.95 46.94
C ILE A 24 7.34 -19.90 46.75
N LEU A 25 7.03 -19.15 47.81
CA LEU A 25 6.00 -18.12 47.71
C LEU A 25 6.42 -17.02 46.74
N SER A 26 7.69 -16.62 46.77
CA SER A 26 8.16 -15.60 45.84
C SER A 26 8.08 -16.09 44.40
N THR A 27 8.48 -17.35 44.16
CA THR A 27 8.38 -17.91 42.82
C THR A 27 6.93 -17.92 42.33
N LEU A 28 6.02 -18.40 43.19
CA LEU A 28 4.61 -18.44 42.82
C LEU A 28 4.07 -17.04 42.52
N LEU A 29 4.42 -16.08 43.37
CA LEU A 29 3.92 -14.73 43.17
C LEU A 29 4.46 -14.12 41.88
N GLY A 30 5.74 -14.33 41.58
CA GLY A 30 6.30 -13.82 40.34
C GLY A 30 5.65 -14.44 39.12
N ASN A 31 5.50 -15.76 39.12
CA ASN A 31 4.91 -16.43 37.96
C ASN A 31 3.45 -16.02 37.78
N THR A 32 2.69 -15.95 38.86
CA THR A 32 1.30 -15.55 38.75
C THR A 32 1.16 -14.12 38.25
N LEU A 33 2.00 -13.22 38.77
CA LEU A 33 1.95 -11.83 38.32
C LEU A 33 2.30 -11.72 36.84
N VAL A 34 3.32 -12.45 36.40
CA VAL A 34 3.71 -12.41 34.99
C VAL A 34 2.56 -12.92 34.13
N CYS A 35 1.99 -14.07 34.49
CA CYS A 35 0.90 -14.64 33.70
C CYS A 35 -0.30 -13.69 33.65
N ALA A 36 -0.65 -13.09 34.78
CA ALA A 36 -1.80 -12.20 34.81
C ALA A 36 -1.55 -10.95 33.98
N ALA A 37 -0.37 -10.34 34.13
CA ALA A 37 -0.06 -9.16 33.33
C ALA A 37 -0.03 -9.46 31.84
N VAL A 38 0.37 -10.68 31.47
CA VAL A 38 0.42 -11.03 30.06
C VAL A 38 -0.98 -11.27 29.51
N ILE A 39 -1.80 -12.07 30.20
CA ILE A 39 -3.11 -12.43 29.69
C ILE A 39 -4.16 -11.35 29.88
N ARG A 40 -3.88 -10.34 30.71
CA ARG A 40 -4.87 -9.29 30.96
C ARG A 40 -4.86 -8.24 29.86
N PHE A 41 -3.67 -7.81 29.43
CA PHE A 41 -3.54 -6.78 28.41
C PHE A 41 -3.33 -7.41 27.04
N ARG A 42 -3.81 -6.71 26.01
CA ARG A 42 -3.71 -7.20 24.64
C ARG A 42 -2.40 -6.80 23.98
N HIS A 43 -1.89 -5.59 24.26
CA HIS A 43 -0.65 -5.14 23.64
C HIS A 43 0.55 -5.97 24.09
N LEU A 44 0.45 -6.67 25.22
CA LEU A 44 1.54 -7.53 25.66
C LEU A 44 1.57 -8.84 24.87
N ARG A 45 0.40 -9.40 24.58
CA ARG A 45 0.32 -10.62 23.79
C ARG A 45 0.51 -10.38 22.30
N SER A 46 0.56 -9.12 21.86
CA SER A 46 0.75 -8.84 20.44
C SER A 46 2.13 -9.27 19.96
N LYS A 47 3.14 -9.17 20.82
CA LYS A 47 4.49 -9.59 20.46
C LYS A 47 4.58 -11.10 20.42
N VAL A 48 5.17 -11.63 19.35
CA VAL A 48 5.28 -13.08 19.21
C VAL A 48 6.24 -13.66 20.25
N THR A 49 7.41 -13.04 20.43
CA THR A 49 8.38 -13.56 21.39
C THR A 49 7.79 -13.74 22.78
N ASN A 50 6.92 -12.83 23.22
CA ASN A 50 6.32 -12.96 24.54
C ASN A 50 5.69 -14.33 24.75
N PHE A 51 5.13 -14.94 23.69
CA PHE A 51 4.57 -16.28 23.84
C PHE A 51 5.56 -17.22 24.53
N PHE A 52 6.80 -17.26 24.04
CA PHE A 52 7.81 -18.10 24.68
C PHE A 52 7.86 -17.82 26.18
N VAL A 53 7.96 -16.55 26.56
CA VAL A 53 7.99 -16.20 27.98
C VAL A 53 6.85 -16.88 28.72
N ILE A 54 5.64 -16.78 28.18
CA ILE A 54 4.49 -17.43 28.82
C ILE A 54 4.83 -18.87 29.14
N SER A 55 5.23 -19.64 28.12
CA SER A 55 5.64 -21.02 28.35
C SER A 55 6.62 -21.10 29.51
N LEU A 56 7.73 -20.34 29.42
CA LEU A 56 8.67 -20.31 30.53
C LEU A 56 7.95 -20.09 31.85
N ALA A 57 7.21 -18.98 31.95
CA ALA A 57 6.45 -18.73 33.17
C ALA A 57 5.67 -19.96 33.58
N VAL A 58 4.87 -20.52 32.67
CA VAL A 58 4.11 -21.73 32.99
C VAL A 58 5.04 -22.77 33.60
N SER A 59 6.11 -23.13 32.87
CA SER A 59 7.07 -24.07 33.43
C SER A 59 7.51 -23.65 34.81
N ASP A 60 7.96 -22.39 34.95
CA ASP A 60 8.39 -21.90 36.25
C ASP A 60 7.30 -22.13 37.29
N LEU A 61 6.05 -21.79 36.96
CA LEU A 61 4.97 -22.02 37.89
C LEU A 61 4.93 -23.48 38.35
N LEU A 62 5.00 -24.42 37.41
CA LEU A 62 5.00 -25.83 37.79
C LEU A 62 6.14 -26.13 38.75
N VAL A 63 7.31 -25.53 38.52
CA VAL A 63 8.46 -25.79 39.39
C VAL A 63 8.11 -25.46 40.83
N ALA A 64 7.28 -24.42 41.03
CA ALA A 64 6.91 -23.99 42.37
C ALA A 64 5.68 -24.71 42.91
N VAL A 65 5.04 -25.56 42.11
CA VAL A 65 3.80 -26.23 42.51
C VAL A 65 4.01 -27.72 42.73
N LEU A 66 4.57 -28.42 41.75
CA LEU A 66 4.68 -29.86 41.78
C LEU A 66 6.08 -30.37 42.07
N VAL A 67 7.04 -29.48 42.33
CA VAL A 67 8.42 -29.90 42.53
C VAL A 67 8.95 -29.40 43.87
N MET A 68 8.96 -28.07 44.05
CA MET A 68 9.65 -27.51 45.21
C MET A 68 8.96 -27.83 46.52
N PRO A 69 7.62 -27.72 46.65
CA PRO A 69 7.01 -27.98 47.96
C PRO A 69 7.25 -29.38 48.48
N TRP A 70 7.19 -30.39 47.60
CA TRP A 70 7.37 -31.76 48.05
C TRP A 70 8.79 -31.99 48.58
N LYS A 71 9.80 -31.54 47.82
CA LYS A 71 11.17 -31.68 48.30
C LYS A 71 11.39 -30.90 49.58
N ALA A 72 10.77 -29.72 49.70
CA ALA A 72 10.92 -28.91 50.91
C ALA A 72 10.36 -29.65 52.12
N VAL A 73 9.13 -30.17 52.01
CA VAL A 73 8.53 -30.85 53.14
C VAL A 73 9.26 -32.15 53.44
N ALA A 74 9.81 -32.81 52.41
CA ALA A 74 10.58 -34.03 52.65
C ALA A 74 11.86 -33.73 53.42
N GLU A 75 12.59 -32.68 53.01
CA GLU A 75 13.79 -32.31 53.74
C GLU A 75 13.47 -31.82 55.15
N ILE A 76 12.31 -31.19 55.33
CA ILE A 76 11.91 -30.77 56.68
C ILE A 76 11.64 -31.98 57.56
N ALA A 77 10.86 -32.94 57.05
CA ALA A 77 10.57 -34.14 57.81
C ALA A 77 11.76 -35.08 57.88
N GLY A 78 12.69 -34.99 56.93
CA GLY A 78 13.88 -35.84 56.91
C GLY A 78 13.73 -37.14 56.16
N PHE A 79 12.58 -37.40 55.55
CA PHE A 79 12.36 -38.62 54.79
C PHE A 79 11.32 -38.34 53.72
N TRP A 80 10.85 -39.40 53.05
CA TRP A 80 9.88 -39.30 51.97
C TRP A 80 8.56 -39.93 52.41
N PRO A 81 7.61 -39.15 52.94
CA PRO A 81 6.35 -39.74 53.40
C PRO A 81 5.43 -40.13 52.26
N PHE A 82 5.56 -39.46 51.13
CA PHE A 82 4.66 -39.68 49.98
C PHE A 82 5.03 -41.00 49.32
N GLY A 83 4.41 -42.08 49.77
CA GLY A 83 4.67 -43.38 49.18
C GLY A 83 4.07 -43.49 47.79
N SER A 84 4.77 -44.26 46.94
CA SER A 84 4.35 -44.45 45.56
C SER A 84 4.27 -43.14 44.79
N PHE A 85 5.11 -42.17 45.18
CA PHE A 85 5.12 -40.85 44.55
C PHE A 85 6.51 -40.39 44.14
N CYS A 86 7.53 -41.17 44.43
CA CYS A 86 8.84 -40.71 44.09
C CYS A 86 9.06 -40.70 42.58
N ASN A 87 8.66 -41.78 41.91
CA ASN A 87 8.87 -41.86 40.48
C ASN A 87 8.19 -40.72 39.74
N ILE A 88 6.89 -40.51 40.02
CA ILE A 88 6.16 -39.44 39.34
C ILE A 88 6.73 -38.08 39.71
N TRP A 89 7.19 -37.91 40.95
CA TRP A 89 7.76 -36.63 41.36
C TRP A 89 9.06 -36.35 40.60
N VAL A 90 9.94 -37.35 40.50
CA VAL A 90 11.17 -37.17 39.75
C VAL A 90 10.87 -36.91 38.28
N ALA A 91 9.85 -37.58 37.74
CA ALA A 91 9.46 -37.33 36.36
C ALA A 91 9.03 -35.89 36.17
N PHE A 92 8.14 -35.39 37.04
CA PHE A 92 7.71 -34.01 36.94
C PHE A 92 8.89 -33.05 37.08
N ASP A 93 9.81 -33.34 38.00
CA ASP A 93 10.95 -32.46 38.20
C ASP A 93 11.81 -32.38 36.95
N ILE A 94 12.15 -33.54 36.39
CA ILE A 94 12.98 -33.55 35.18
C ILE A 94 12.26 -32.85 34.03
N MET A 95 10.96 -33.11 33.89
CA MET A 95 10.20 -32.47 32.83
C MET A 95 10.24 -30.95 32.96
N CYS A 96 9.99 -30.45 34.17
CA CYS A 96 9.97 -29.00 34.38
C CYS A 96 11.34 -28.39 34.15
N SER A 97 12.40 -29.06 34.63
CA SER A 97 13.74 -28.53 34.43
C SER A 97 14.09 -28.45 32.95
N THR A 98 13.85 -29.54 32.22
CA THR A 98 14.14 -29.53 30.78
C THR A 98 13.30 -28.50 30.06
N ALA A 99 12.03 -28.35 30.44
CA ALA A 99 11.16 -27.37 29.80
C ALA A 99 11.68 -25.95 30.03
N SER A 100 12.08 -25.63 31.26
CA SER A 100 12.60 -24.30 31.54
C SER A 100 13.89 -24.04 30.79
N ILE A 101 14.79 -25.03 30.75
CA ILE A 101 16.06 -24.85 30.06
C ILE A 101 15.82 -24.61 28.57
N TRP A 102 14.94 -25.41 27.96
CA TRP A 102 14.68 -25.25 26.53
C TRP A 102 13.92 -23.96 26.26
N ASN A 103 13.09 -23.51 27.19
CA ASN A 103 12.42 -22.22 27.02
C ASN A 103 13.44 -21.08 27.02
N LEU A 104 14.39 -21.12 27.95
CA LEU A 104 15.45 -20.12 27.95
C LEU A 104 16.25 -20.17 26.65
N CYS A 105 16.58 -21.37 26.19
CA CYS A 105 17.37 -21.51 24.97
C CYS A 105 16.62 -20.92 23.77
N VAL A 106 15.34 -21.27 23.63
CA VAL A 106 14.57 -20.78 22.48
C VAL A 106 14.33 -19.28 22.60
N ILE A 107 14.21 -18.75 23.82
CA ILE A 107 14.08 -17.32 23.99
C ILE A 107 15.35 -16.62 23.50
N SER A 108 16.51 -17.15 23.88
CA SER A 108 17.76 -16.57 23.42
C SER A 108 17.87 -16.65 21.90
N VAL A 109 17.48 -17.78 21.32
CA VAL A 109 17.54 -17.94 19.87
C VAL A 109 16.62 -16.93 19.19
N ASP A 110 15.43 -16.72 19.74
CA ASP A 110 14.49 -15.77 19.16
C ASP A 110 15.03 -14.35 19.25
N ARG A 111 15.59 -13.98 20.39
CA ARG A 111 16.17 -12.64 20.53
C ARG A 111 17.31 -12.44 19.53
N TYR A 112 18.15 -13.46 19.34
CA TYR A 112 19.23 -13.35 18.38
C TYR A 112 18.70 -13.20 16.96
N TRP A 113 17.69 -14.00 16.60
CA TRP A 113 17.12 -13.91 15.27
C TRP A 113 16.46 -12.56 15.03
N ALA A 114 15.90 -11.95 16.08
CA ALA A 114 15.27 -10.65 15.94
C ALA A 114 16.29 -9.52 15.88
N ILE A 115 17.43 -9.67 16.57
CA ILE A 115 18.43 -8.61 16.58
C ILE A 115 19.28 -8.65 15.31
N SER A 116 19.68 -9.85 14.88
CA SER A 116 20.56 -9.96 13.72
C SER A 116 19.82 -9.60 12.43
N SER A 117 18.62 -10.17 12.24
CA SER A 117 17.83 -9.94 11.04
C SER A 117 16.39 -9.68 11.44
N PRO A 118 16.06 -8.42 11.78
CA PRO A 118 14.68 -8.11 12.16
C PRO A 118 13.72 -8.12 10.99
N PHE A 119 14.16 -7.73 9.80
CA PHE A 119 13.25 -7.70 8.65
C PHE A 119 12.76 -9.11 8.32
N ARG A 120 13.65 -10.10 8.36
CA ARG A 120 13.24 -11.48 8.14
C ARG A 120 12.57 -12.09 9.36
N TYR A 121 12.92 -11.62 10.56
CA TYR A 121 12.31 -12.15 11.77
C TYR A 121 10.83 -11.78 11.84
N GLU A 122 10.49 -10.53 11.51
CA GLU A 122 9.11 -10.09 11.57
C GLU A 122 8.21 -10.83 10.58
N ARG A 123 8.78 -11.39 9.51
CA ARG A 123 8.01 -12.08 8.49
C ARG A 123 8.00 -13.59 8.65
N LYS A 124 9.09 -14.17 9.17
CA LYS A 124 9.17 -15.62 9.34
C LYS A 124 8.64 -16.08 10.69
N MET A 125 9.01 -15.39 11.77
CA MET A 125 8.57 -15.76 13.10
C MET A 125 7.13 -15.30 13.29
N THR A 126 6.20 -16.26 13.33
CA THR A 126 4.78 -16.00 13.51
C THR A 126 4.29 -16.73 14.76
N PRO A 127 3.12 -16.36 15.28
CA PRO A 127 2.59 -17.09 16.45
C PRO A 127 2.52 -18.59 16.25
N LYS A 128 2.20 -19.04 15.04
CA LYS A 128 2.19 -20.48 14.77
C LYS A 128 3.58 -21.08 14.97
N ALA A 129 4.62 -20.39 14.50
CA ALA A 129 5.98 -20.90 14.67
C ALA A 129 6.36 -20.95 16.15
N ALA A 130 5.99 -19.93 16.92
CA ALA A 130 6.29 -19.95 18.35
C ALA A 130 5.57 -21.09 19.05
N PHE A 131 4.29 -21.30 18.71
CA PHE A 131 3.56 -22.42 19.31
C PHE A 131 4.17 -23.75 18.93
N ILE A 132 4.63 -23.88 17.67
CA ILE A 132 5.25 -25.13 17.23
C ILE A 132 6.55 -25.37 18.01
N LEU A 133 7.34 -24.33 18.19
CA LEU A 133 8.59 -24.47 18.94
C LEU A 133 8.31 -24.84 20.39
N ILE A 134 7.31 -24.21 21.01
CA ILE A 134 6.98 -24.53 22.39
C ILE A 134 6.51 -25.97 22.50
N SER A 135 5.69 -26.42 21.55
CA SER A 135 5.22 -27.80 21.57
C SER A 135 6.37 -28.78 21.38
N VAL A 136 7.31 -28.45 20.51
CA VAL A 136 8.46 -29.32 20.29
C VAL A 136 9.28 -29.42 21.57
N ALA A 137 9.52 -28.28 22.23
CA ALA A 137 10.28 -28.31 23.48
C ALA A 137 9.55 -29.13 24.54
N TRP A 138 8.24 -28.95 24.66
CA TRP A 138 7.48 -29.70 25.66
C TRP A 138 7.50 -31.20 25.36
N THR A 139 7.36 -31.57 24.09
CA THR A 139 7.42 -32.98 23.73
C THR A 139 8.79 -33.58 24.00
N LEU A 140 9.86 -32.84 23.73
CA LEU A 140 11.19 -33.33 24.05
C LEU A 140 11.36 -33.51 25.56
N SER A 141 10.90 -32.53 26.33
CA SER A 141 10.98 -32.65 27.79
C SER A 141 10.21 -33.87 28.28
N VAL A 142 9.02 -34.10 27.74
CA VAL A 142 8.23 -35.26 28.15
C VAL A 142 8.96 -36.55 27.78
N LEU A 143 9.47 -36.63 26.54
CA LEU A 143 10.15 -37.84 26.10
C LEU A 143 11.38 -38.13 26.94
N ILE A 144 12.07 -37.10 27.43
CA ILE A 144 13.27 -37.33 28.22
C ILE A 144 12.97 -37.53 29.71
N SER A 145 11.80 -37.10 30.18
CA SER A 145 11.47 -37.21 31.60
C SER A 145 10.60 -38.43 31.89
N PHE A 146 9.43 -38.54 31.24
CA PHE A 146 8.47 -39.57 31.60
C PHE A 146 8.86 -40.93 31.04
N ILE A 147 9.27 -40.98 29.76
CA ILE A 147 9.53 -42.27 29.12
C ILE A 147 10.62 -43.05 29.85
N PRO A 148 11.77 -42.47 30.18
CA PRO A 148 12.81 -43.27 30.86
C PRO A 148 12.46 -43.63 32.29
N VAL A 149 11.78 -42.74 33.03
CA VAL A 149 11.47 -43.02 34.42
C VAL A 149 10.38 -44.09 34.52
N GLN A 150 9.31 -43.95 33.73
CA GLN A 150 8.23 -44.91 33.79
C GLN A 150 8.67 -46.30 33.34
N LEU A 151 9.64 -46.38 32.44
CA LEU A 151 10.14 -47.65 31.94
C LEU A 151 11.32 -48.18 32.73
N SER A 152 11.60 -47.60 33.90
CA SER A 152 12.68 -48.06 34.77
C SER A 152 14.04 -47.94 34.09
N TRP A 153 14.18 -46.97 33.17
CA TRP A 153 15.45 -46.76 32.49
C TRP A 153 16.40 -45.92 33.32
N HIS A 154 15.87 -45.07 34.21
CA HIS A 154 16.74 -44.21 35.01
C HIS A 154 17.47 -45.00 36.09
N LYS A 155 16.93 -46.14 36.51
CA LYS A 155 17.57 -46.97 37.52
C LYS A 155 18.67 -47.82 36.89
N ASN A 175 13.09 -44.05 53.08
CA ASN A 175 12.73 -42.99 52.14
C ASN A 175 13.09 -43.38 50.72
N CYS A 176 13.10 -42.37 49.79
CA CYS A 176 13.46 -42.57 48.36
C CYS A 176 14.63 -41.66 48.01
N ASP A 177 15.58 -42.11 47.20
CA ASP A 177 16.66 -41.24 46.75
C ASP A 177 16.83 -41.27 45.23
N SER A 178 16.18 -42.23 44.57
CA SER A 178 16.25 -42.34 43.11
C SER A 178 17.68 -42.35 42.57
N SER A 179 18.39 -43.45 42.78
CA SER A 179 19.76 -43.56 42.27
C SER A 179 19.74 -43.53 40.76
N LEU A 180 20.81 -43.03 40.15
CA LEU A 180 20.80 -42.89 38.69
C LEU A 180 21.90 -43.63 37.95
N SER A 181 21.55 -44.26 36.83
CA SER A 181 22.52 -44.93 35.99
C SER A 181 23.48 -43.93 35.36
N ARG A 182 24.58 -44.44 34.82
CA ARG A 182 25.60 -43.59 34.24
C ARG A 182 25.22 -43.12 32.85
N THR A 183 24.87 -44.06 31.96
CA THR A 183 24.59 -43.71 30.58
C THR A 183 23.37 -42.80 30.47
N TYR A 184 22.29 -43.12 31.19
CA TYR A 184 21.10 -42.28 31.12
C TYR A 184 21.37 -40.89 31.68
N ALA A 185 22.08 -40.80 32.80
CA ALA A 185 22.41 -39.50 33.38
C ALA A 185 23.24 -38.67 32.41
N ILE A 186 24.25 -39.29 31.79
CA ILE A 186 25.11 -38.57 30.86
C ILE A 186 24.30 -38.08 29.67
N SER A 187 23.46 -38.96 29.10
CA SER A 187 22.66 -38.56 27.95
C SER A 187 21.72 -37.41 28.30
N SER A 188 21.07 -37.49 29.46
CA SER A 188 20.15 -36.42 29.86
C SER A 188 20.91 -35.12 30.07
N SER A 189 22.06 -35.16 30.74
CA SER A 189 22.82 -33.94 30.99
C SER A 189 23.35 -33.35 29.68
N VAL A 190 23.60 -34.19 28.68
CA VAL A 190 24.14 -33.70 27.42
C VAL A 190 23.04 -33.11 26.54
N ILE A 191 21.85 -33.72 26.53
CA ILE A 191 20.78 -33.25 25.67
C ILE A 191 19.90 -32.19 26.33
N SER A 192 20.05 -31.97 27.64
CA SER A 192 19.18 -31.02 28.34
C SER A 192 19.92 -29.86 29.00
N PHE A 193 21.24 -29.95 29.15
CA PHE A 193 22.03 -28.85 29.68
C PHE A 193 23.18 -28.45 28.78
N TYR A 194 24.05 -29.38 28.39
CA TYR A 194 25.28 -29.02 27.70
C TYR A 194 24.99 -28.41 26.33
N ILE A 195 24.15 -29.06 25.52
CA ILE A 195 23.86 -28.54 24.19
C ILE A 195 23.09 -27.24 24.26
N PRO A 196 22.03 -27.11 25.06
CA PRO A 196 21.39 -25.80 25.19
C PRO A 196 22.31 -24.73 25.75
N VAL A 197 23.18 -25.10 26.69
CA VAL A 197 24.12 -24.13 27.24
C VAL A 197 25.06 -23.63 26.16
N ALA A 198 25.59 -24.53 25.34
CA ALA A 198 26.47 -24.11 24.25
C ALA A 198 25.72 -23.27 23.23
N ILE A 199 24.47 -23.63 22.94
CA ILE A 199 23.67 -22.85 22.00
C ILE A 199 23.49 -21.42 22.53
N MET A 200 23.14 -21.29 23.81
CA MET A 200 22.97 -19.96 24.40
C MET A 200 24.28 -19.21 24.42
N ILE A 201 25.39 -19.90 24.66
CA ILE A 201 26.69 -19.25 24.70
C ILE A 201 27.02 -18.66 23.32
N VAL A 202 26.88 -19.46 22.27
CA VAL A 202 27.19 -18.95 20.93
C VAL A 202 26.20 -17.87 20.54
N THR A 203 24.94 -17.98 20.96
CA THR A 203 23.95 -16.95 20.66
C THR A 203 24.35 -15.62 21.27
N TYR A 204 24.65 -15.63 22.57
CA TYR A 204 25.07 -14.40 23.24
C TYR A 204 26.38 -13.88 22.70
N THR A 205 27.28 -14.77 22.26
CA THR A 205 28.53 -14.31 21.66
C THR A 205 28.26 -13.58 20.35
N ARG A 206 27.39 -14.12 19.50
CA ARG A 206 27.05 -13.44 18.25
C ARG A 206 26.37 -12.10 18.53
N ILE A 207 25.46 -12.08 19.52
CA ILE A 207 24.79 -10.83 19.87
C ILE A 207 25.81 -9.80 20.34
N TYR A 208 26.76 -10.22 21.18
CA TYR A 208 27.76 -9.30 21.69
C TYR A 208 28.65 -8.80 20.56
N ARG A 209 29.02 -9.66 19.62
CA ARG A 209 29.85 -9.22 18.50
C ARG A 209 29.11 -8.21 17.64
N ILE A 210 27.82 -8.45 17.37
CA ILE A 210 27.04 -7.49 16.58
C ILE A 210 26.95 -6.17 17.32
N ALA A 211 26.67 -6.21 18.62
CA ALA A 211 26.55 -4.97 19.40
C ALA A 211 27.88 -4.23 19.42
N GLN A 212 28.99 -4.95 19.53
CA GLN A 212 30.29 -4.31 19.55
C GLN A 212 30.61 -3.67 18.20
N LYS A 213 30.27 -4.35 17.09
CA LYS A 213 30.46 -3.76 15.78
C LYS A 213 29.64 -2.48 15.64
N GLN A 214 28.37 -2.51 16.06
CA GLN A 214 27.55 -1.31 15.96
C GLN A 214 28.09 -0.18 16.82
N ILE A 215 28.54 -0.50 18.04
CA ILE A 215 29.07 0.53 18.93
C ILE A 215 30.35 1.12 18.36
N ARG A 216 31.20 0.27 17.78
CA ARG A 216 32.43 0.78 17.17
C ARG A 216 32.12 1.68 15.98
N ARG A 217 31.13 1.30 15.17
CA ARG A 217 30.73 2.15 14.05
C ARG A 217 30.22 3.49 14.55
N ILE A 218 29.39 3.48 15.58
CA ILE A 218 28.85 4.74 16.11
C ILE A 218 29.97 5.60 16.68
N ALA A 219 30.93 4.97 17.37
CA ALA A 219 32.04 5.72 17.95
C ALA A 219 32.92 6.31 16.86
N ALA A 220 33.17 5.56 15.78
CA ALA A 220 33.95 6.09 14.67
C ALA A 220 33.23 7.27 14.01
N LEU A 221 31.91 7.16 13.85
CA LEU A 221 31.14 8.27 13.29
C LEU A 221 31.22 9.50 14.19
N GLU A 222 31.10 9.30 15.50
CA GLU A 222 31.17 10.42 16.43
C GLU A 222 32.55 11.07 16.41
N ARG A 223 33.60 10.26 16.32
CA ARG A 223 34.96 10.81 16.27
C ARG A 223 35.19 11.57 14.98
N ALA A 224 34.66 11.05 13.86
CA ALA A 224 34.78 11.77 12.60
C ALA A 224 33.99 13.07 12.62
N ALA A 225 32.87 13.11 13.34
CA ALA A 225 32.09 14.34 13.46
C ALA A 225 32.71 15.33 14.43
N VAL A 226 33.43 14.85 15.44
CA VAL A 226 34.06 15.72 16.42
C VAL A 226 33.02 16.57 17.11
N PHE A 254 35.09 2.43 27.54
CA PHE A 254 33.81 2.49 26.85
C PHE A 254 32.66 2.26 27.82
N LYS A 255 31.59 3.04 27.66
CA LYS A 255 30.42 2.94 28.53
C LYS A 255 29.32 2.08 27.94
N ARG A 256 29.10 2.18 26.63
CA ARG A 256 28.05 1.39 25.99
C ARG A 256 28.44 -0.09 25.94
N GLU A 257 29.67 -0.39 25.52
CA GLU A 257 30.13 -1.77 25.52
C GLU A 257 30.11 -2.34 26.93
N THR A 258 30.48 -1.54 27.93
CA THR A 258 30.44 -1.99 29.31
C THR A 258 29.00 -2.32 29.73
N LYS A 259 28.05 -1.48 29.33
CA LYS A 259 26.65 -1.74 29.66
C LYS A 259 26.17 -3.03 29.00
N VAL A 260 26.52 -3.23 27.73
CA VAL A 260 26.13 -4.46 27.04
C VAL A 260 26.72 -5.68 27.73
N LEU A 261 28.00 -5.58 28.12
CA LEU A 261 28.65 -6.70 28.78
C LEU A 261 27.99 -7.00 30.13
N LYS A 262 27.66 -5.95 30.89
CA LYS A 262 27.01 -6.16 32.18
C LYS A 262 25.63 -6.78 32.01
N THR A 263 24.89 -6.34 30.98
CA THR A 263 23.57 -6.92 30.72
C THR A 263 23.70 -8.40 30.36
N LEU A 264 24.59 -8.72 29.43
CA LEU A 264 24.78 -10.12 29.04
C LEU A 264 25.24 -10.96 30.23
N SER A 265 26.06 -10.39 31.10
CA SER A 265 26.48 -11.12 32.30
C SER A 265 25.30 -11.40 33.21
N VAL A 266 24.56 -10.36 33.59
CA VAL A 266 23.39 -10.55 34.44
C VAL A 266 22.42 -11.55 33.80
N ILE A 267 22.42 -11.65 32.47
CA ILE A 267 21.49 -12.55 31.81
C ILE A 267 21.98 -13.99 31.90
N MET A 268 23.26 -14.22 31.58
CA MET A 268 23.76 -15.58 31.40
C MET A 268 24.41 -16.14 32.67
N GLY A 269 25.34 -15.40 33.27
CA GLY A 269 26.11 -15.93 34.38
C GLY A 269 25.25 -16.41 35.54
N VAL A 270 24.08 -15.80 35.74
CA VAL A 270 23.20 -16.23 36.81
C VAL A 270 22.78 -17.69 36.59
N PHE A 271 22.15 -17.95 35.45
CA PHE A 271 21.75 -19.32 35.13
C PHE A 271 22.96 -20.25 35.10
N VAL A 272 24.10 -19.74 34.64
CA VAL A 272 25.31 -20.58 34.57
C VAL A 272 25.69 -21.06 35.97
N CYS A 273 25.94 -20.11 36.87
CA CYS A 273 26.33 -20.48 38.23
C CYS A 273 25.22 -21.21 38.97
N CYS A 274 23.98 -21.11 38.50
CA CYS A 274 22.88 -21.80 39.19
C CYS A 274 22.77 -23.26 38.75
N TRP A 275 23.01 -23.54 37.47
CA TRP A 275 22.73 -24.86 36.91
C TRP A 275 23.96 -25.62 36.46
N LEU A 276 25.16 -25.06 36.57
CA LEU A 276 26.36 -25.77 36.16
C LEU A 276 26.80 -26.79 37.23
N PRO A 277 26.99 -26.39 38.49
CA PRO A 277 27.49 -27.36 39.48
C PRO A 277 26.55 -28.52 39.72
N PHE A 278 25.23 -28.28 39.64
CA PHE A 278 24.29 -29.38 39.81
C PHE A 278 24.51 -30.47 38.78
N PHE A 279 24.59 -30.09 37.50
CA PHE A 279 24.82 -31.08 36.45
C PHE A 279 26.22 -31.66 36.53
N ILE A 280 27.22 -30.87 36.94
CA ILE A 280 28.57 -31.40 37.11
C ILE A 280 28.56 -32.53 38.13
N LEU A 281 27.89 -32.31 39.26
CA LEU A 281 27.80 -33.35 40.29
C LEU A 281 26.98 -34.53 39.81
N ASN A 282 25.86 -34.27 39.11
CA ASN A 282 25.04 -35.35 38.60
C ASN A 282 25.79 -36.22 37.58
N CYS A 283 26.77 -35.65 36.90
CA CYS A 283 27.58 -36.42 35.95
C CYS A 283 28.80 -37.06 36.62
N ILE A 284 29.28 -36.49 37.72
CA ILE A 284 30.46 -37.04 38.38
C ILE A 284 30.07 -38.12 39.38
N LEU A 285 28.94 -37.95 40.07
CA LEU A 285 28.54 -38.90 41.11
C LEU A 285 28.33 -40.31 40.55
N PRO A 286 27.64 -40.51 39.44
CA PRO A 286 27.44 -41.89 38.95
C PRO A 286 28.74 -42.61 38.62
N PHE A 287 29.76 -41.88 38.15
CA PHE A 287 31.03 -42.51 37.83
C PHE A 287 31.89 -42.74 39.06
N CYS A 288 31.74 -41.88 40.08
CA CYS A 288 32.59 -41.91 41.30
C CYS A 288 33.98 -42.51 41.12
N CYS A 297 32.98 -39.83 47.77
CA CYS A 297 32.41 -38.99 46.72
C CYS A 297 31.74 -37.75 47.31
N ILE A 298 31.02 -37.00 46.48
CA ILE A 298 30.34 -35.80 46.93
C ILE A 298 29.17 -36.19 47.82
N ASP A 299 28.89 -35.35 48.82
CA ASP A 299 27.80 -35.60 49.75
C ASP A 299 26.48 -35.14 49.15
N SER A 300 25.39 -35.61 49.76
CA SER A 300 24.05 -35.26 49.29
C SER A 300 23.62 -33.86 49.70
N ASN A 301 24.22 -33.31 50.76
CA ASN A 301 23.85 -31.98 51.21
C ASN A 301 24.20 -30.93 50.16
N THR A 302 25.42 -30.99 49.62
CA THR A 302 25.81 -30.05 48.58
C THR A 302 24.98 -30.24 47.31
N PHE A 303 24.64 -31.49 46.98
CA PHE A 303 23.80 -31.74 45.81
C PHE A 303 22.42 -31.12 45.99
N ASP A 304 21.84 -31.28 47.18
CA ASP A 304 20.55 -30.65 47.46
C ASP A 304 20.65 -29.13 47.44
N VAL A 305 21.75 -28.58 47.94
CA VAL A 305 21.94 -27.12 47.90
C VAL A 305 21.99 -26.64 46.46
N PHE A 306 22.72 -27.36 45.60
CA PHE A 306 22.79 -26.97 44.19
C PHE A 306 21.44 -27.13 43.50
N VAL A 307 20.67 -28.16 43.87
CA VAL A 307 19.32 -28.31 43.32
C VAL A 307 18.45 -27.13 43.73
N TRP A 308 18.56 -26.71 44.99
CA TRP A 308 17.78 -25.56 45.44
C TRP A 308 18.23 -24.28 44.76
N PHE A 309 19.52 -24.15 44.45
CA PHE A 309 19.98 -23.00 43.68
C PHE A 309 19.40 -23.02 42.27
N GLY A 310 19.42 -24.17 41.62
CA GLY A 310 18.83 -24.29 40.30
C GLY A 310 17.33 -24.03 40.30
N TRP A 311 16.67 -24.32 41.43
CA TRP A 311 15.24 -24.04 41.53
C TRP A 311 14.99 -22.55 41.77
N ALA A 312 15.77 -21.92 42.64
CA ALA A 312 15.69 -20.48 42.81
C ALA A 312 16.00 -19.74 41.51
N ASN A 313 16.79 -20.35 40.62
CA ASN A 313 16.97 -19.78 39.30
C ASN A 313 15.63 -19.63 38.57
N SER A 314 14.68 -20.53 38.85
CA SER A 314 13.36 -20.40 38.23
C SER A 314 12.66 -19.14 38.69
N ALA A 315 12.79 -18.79 39.97
CA ALA A 315 12.20 -17.56 40.47
C ALA A 315 12.96 -16.33 39.99
N LEU A 316 14.27 -16.46 39.81
CA LEU A 316 15.07 -15.35 39.30
C LEU A 316 14.86 -15.11 37.81
N ASN A 317 14.39 -16.12 37.07
CA ASN A 317 14.16 -15.97 35.64
C ASN A 317 13.30 -14.77 35.31
N PRO A 318 12.07 -14.64 35.80
CA PRO A 318 11.23 -13.49 35.41
C PRO A 318 11.85 -12.15 35.73
N ILE A 319 12.71 -12.08 36.75
CA ILE A 319 13.35 -10.81 37.08
C ILE A 319 14.31 -10.38 35.97
N ILE A 320 14.77 -11.34 35.16
CA ILE A 320 15.73 -11.06 34.10
C ILE A 320 15.04 -10.99 32.73
N TYR A 321 14.05 -11.85 32.51
CA TYR A 321 13.39 -11.95 31.21
C TYR A 321 12.01 -11.30 31.18
N ALA A 322 11.42 -11.00 32.33
CA ALA A 322 10.09 -10.39 32.41
C ALA A 322 10.11 -9.19 33.34
N PHE A 323 11.12 -8.32 33.17
CA PHE A 323 11.26 -7.13 33.99
C PHE A 323 11.66 -5.92 33.16
N ASN A 324 11.30 -5.90 31.88
CA ASN A 324 11.62 -4.78 31.01
C ASN A 324 10.63 -3.65 31.27
N ALA A 325 10.72 -2.58 30.46
CA ALA A 325 9.85 -1.43 30.67
C ALA A 325 8.38 -1.80 30.50
N ASP A 326 8.07 -2.64 29.51
CA ASP A 326 6.68 -3.03 29.28
C ASP A 326 6.12 -3.79 30.47
N PHE A 327 6.87 -4.78 30.97
CA PHE A 327 6.40 -5.56 32.11
C PHE A 327 6.32 -4.69 33.36
N ARG A 328 7.25 -3.74 33.52
CA ARG A 328 7.18 -2.83 34.67
C ARG A 328 5.92 -1.99 34.61
N LYS A 329 5.61 -1.43 33.44
CA LYS A 329 4.40 -0.63 33.29
C LYS A 329 3.16 -1.49 33.53
N ALA A 330 3.17 -2.73 33.06
CA ALA A 330 2.03 -3.62 33.28
C ALA A 330 1.82 -3.89 34.76
N PHE A 331 2.91 -4.20 35.48
CA PHE A 331 2.79 -4.45 36.91
C PHE A 331 2.37 -3.19 37.66
N SER A 332 2.79 -2.02 37.19
CA SER A 332 2.42 -0.78 37.86
C SER A 332 0.95 -0.46 37.66
N THR A 333 0.44 -0.63 36.44
CA THR A 333 -0.95 -0.33 36.14
C THR A 333 -1.90 -1.44 36.57
N LEU A 334 -1.38 -2.64 36.88
CA LEU A 334 -2.25 -3.73 37.31
C LEU A 334 -2.54 -3.65 38.81
N LEU A 335 -1.50 -3.49 39.62
CA LEU A 335 -1.65 -3.41 41.06
C LEU A 335 -2.00 -1.99 41.50
N GLN B 1 13.75 9.56 29.23
CA GLN B 1 12.65 9.33 28.25
C GLN B 1 13.09 9.73 26.84
N VAL B 2 12.40 9.20 25.85
CA VAL B 2 12.69 9.47 24.44
C VAL B 2 11.52 10.25 23.85
N GLN B 3 11.83 11.38 23.21
CA GLN B 3 10.83 12.23 22.57
C GLN B 3 10.99 12.19 21.07
N LEU B 4 9.87 12.14 20.36
CA LEU B 4 9.86 12.09 18.90
C LEU B 4 9.04 13.27 18.38
N GLN B 5 9.72 14.24 17.79
CA GLN B 5 9.09 15.42 17.22
C GLN B 5 9.00 15.23 15.71
N GLU B 6 7.78 15.05 15.19
CA GLU B 6 7.55 14.82 13.78
C GLU B 6 7.04 16.09 13.11
N SER B 7 7.41 16.25 11.83
CA SER B 7 6.98 17.41 11.07
C SER B 7 7.10 17.08 9.58
N GLY B 8 6.55 17.96 8.76
CA GLY B 8 6.58 17.82 7.32
C GLY B 8 5.25 17.44 6.71
N GLY B 9 4.32 16.92 7.52
CA GLY B 9 3.02 16.54 6.99
C GLY B 9 2.15 17.74 6.67
N GLY B 10 1.16 17.51 5.83
CA GLY B 10 0.24 18.56 5.43
C GLY B 10 -0.51 18.17 4.17
N LEU B 11 -0.95 19.20 3.44
CA LEU B 11 -1.68 19.01 2.20
C LEU B 11 -0.73 19.05 1.01
N VAL B 12 -0.93 18.14 0.06
CA VAL B 12 -0.08 18.06 -1.12
C VAL B 12 -0.91 17.50 -2.27
N GLN B 13 -0.69 18.04 -3.47
CA GLN B 13 -1.40 17.56 -4.65
C GLN B 13 -0.92 16.16 -5.02
N ALA B 14 -1.80 15.42 -5.68
CA ALA B 14 -1.45 14.07 -6.13
C ALA B 14 -0.28 14.12 -7.10
N GLY B 15 0.62 13.14 -6.97
CA GLY B 15 1.80 13.08 -7.82
C GLY B 15 2.98 13.89 -7.33
N GLY B 16 2.78 14.78 -6.35
CA GLY B 16 3.85 15.59 -5.83
C GLY B 16 4.77 14.81 -4.91
N SER B 17 5.71 15.54 -4.32
CA SER B 17 6.69 14.97 -3.40
C SER B 17 6.55 15.62 -2.03
N LEU B 18 6.90 14.86 -0.99
CA LEU B 18 6.83 15.37 0.38
C LEU B 18 7.92 14.71 1.21
N ARG B 19 8.55 15.51 2.07
CA ARG B 19 9.65 15.04 2.91
C ARG B 19 9.25 15.23 4.38
N LEU B 20 8.98 14.13 5.06
CA LEU B 20 8.69 14.15 6.49
C LEU B 20 9.98 13.94 7.27
N SER B 21 10.07 14.61 8.42
CA SER B 21 11.26 14.55 9.26
C SER B 21 10.86 14.36 10.71
N CYS B 22 11.50 13.39 11.37
CA CYS B 22 11.24 13.09 12.77
C CYS B 22 12.55 13.16 13.54
N ALA B 23 12.61 14.04 14.54
CA ALA B 23 13.77 14.20 15.40
C ALA B 23 13.55 13.41 16.68
N ALA B 24 14.54 12.58 17.03
CA ALA B 24 14.49 11.73 18.20
C ALA B 24 15.48 12.29 19.24
N SER B 25 14.94 12.79 20.35
CA SER B 25 15.74 13.34 21.43
C SER B 25 15.74 12.37 22.61
N GLY B 26 16.93 12.05 23.11
CA GLY B 26 17.08 11.14 24.23
C GLY B 26 18.13 10.08 23.94
N SER B 27 18.48 9.36 25.01
CA SER B 27 19.48 8.31 24.91
C SER B 27 18.87 7.08 24.22
N ILE B 28 19.43 6.69 23.09
CA ILE B 28 18.96 5.55 22.31
C ILE B 28 20.13 4.60 22.11
N PHE B 29 19.88 3.31 22.34
CA PHE B 29 20.91 2.30 22.17
C PHE B 29 21.31 2.19 20.70
N ALA B 30 22.51 1.65 20.46
CA ALA B 30 23.01 1.50 19.10
C ALA B 30 22.07 0.63 18.26
N LEU B 31 21.82 -0.59 18.73
CA LEU B 31 20.94 -1.51 18.02
C LEU B 31 19.50 -1.04 18.18
N ASN B 32 18.96 -0.42 17.14
CA ASN B 32 17.59 0.08 17.16
C ASN B 32 17.08 0.21 15.74
N ILE B 33 15.77 0.08 15.58
CA ILE B 33 15.10 0.21 14.30
C ILE B 33 14.23 1.46 14.33
N MET B 34 14.23 2.20 13.23
CA MET B 34 13.40 3.40 13.10
C MET B 34 12.54 3.22 11.85
N GLY B 35 11.23 3.31 12.02
CA GLY B 35 10.31 3.06 10.92
C GLY B 35 9.17 4.04 10.92
N TRP B 36 8.51 4.11 9.77
CA TRP B 36 7.31 4.93 9.57
C TRP B 36 6.15 4.01 9.23
N TYR B 37 5.05 4.16 9.97
CA TYR B 37 3.81 3.45 9.73
C TYR B 37 2.72 4.45 9.37
N ARG B 38 1.65 3.96 8.76
CA ARG B 38 0.51 4.81 8.40
C ARG B 38 -0.77 4.17 8.91
N GLN B 39 -1.67 5.01 9.41
CA GLN B 39 -2.98 4.58 9.91
C GLN B 39 -4.05 5.45 9.28
N ALA B 40 -5.03 4.81 8.62
CA ALA B 40 -6.12 5.54 7.99
C ALA B 40 -7.37 5.47 8.85
N PRO B 41 -8.26 6.45 8.75
CA PRO B 41 -9.49 6.43 9.56
C PRO B 41 -10.38 5.26 9.17
N GLY B 42 -10.65 4.38 10.13
CA GLY B 42 -11.47 3.21 9.89
C GLY B 42 -10.65 1.96 9.67
N LYS B 43 -9.54 2.09 8.95
CA LYS B 43 -8.65 0.97 8.69
C LYS B 43 -7.70 0.78 9.86
N GLN B 44 -6.76 -0.16 9.72
CA GLN B 44 -5.79 -0.46 10.76
C GLN B 44 -4.43 0.13 10.39
N ARG B 45 -3.53 0.14 11.37
CA ARG B 45 -2.18 0.66 11.16
C ARG B 45 -1.33 -0.37 10.43
N GLU B 46 -0.74 0.04 9.31
CA GLU B 46 0.10 -0.83 8.49
C GLU B 46 1.50 -0.24 8.37
N LEU B 47 2.45 -1.11 8.07
CA LEU B 47 3.84 -0.70 7.93
C LEU B 47 4.08 -0.04 6.59
N VAL B 48 4.84 1.05 6.60
CA VAL B 48 5.21 1.78 5.39
C VAL B 48 6.69 1.59 5.07
N ALA B 49 7.57 1.85 6.03
CA ALA B 49 9.00 1.69 5.81
C ALA B 49 9.71 1.50 7.15
N ALA B 50 10.94 1.00 7.07
CA ALA B 50 11.75 0.80 8.26
C ALA B 50 13.22 0.77 7.87
N ILE B 51 14.08 1.10 8.84
CA ILE B 51 15.52 1.12 8.63
C ILE B 51 16.21 0.70 9.93
N HIS B 52 17.23 -0.13 9.79
CA HIS B 52 18.02 -0.60 10.92
C HIS B 52 19.27 0.27 11.09
N SER B 53 19.90 0.16 12.25
CA SER B 53 21.12 0.92 12.52
C SER B 53 22.27 0.50 11.60
N GLY B 54 22.19 -0.68 11.00
CA GLY B 54 23.24 -1.15 10.12
C GLY B 54 23.17 -0.64 8.69
N GLY B 55 22.16 0.17 8.36
CA GLY B 55 22.00 0.72 7.04
C GLY B 55 20.97 0.01 6.19
N THR B 56 20.60 -1.21 6.55
CA THR B 56 19.61 -1.95 5.77
C THR B 56 18.24 -1.30 5.90
N THR B 57 17.48 -1.31 4.80
CA THR B 57 16.15 -0.73 4.75
C THR B 57 15.14 -1.78 4.30
N ASN B 58 13.88 -1.53 4.65
CA ASN B 58 12.78 -2.41 4.29
C ASN B 58 11.55 -1.59 3.98
N TYR B 59 10.82 -1.99 2.94
CA TYR B 59 9.62 -1.27 2.51
C TYR B 59 8.52 -2.28 2.21
N ALA B 60 7.28 -1.79 2.23
CA ALA B 60 6.13 -2.62 1.93
C ALA B 60 6.02 -2.82 0.41
N ASN B 61 5.18 -3.79 0.04
CA ASN B 61 4.99 -4.10 -1.38
C ASN B 61 4.20 -3.02 -2.11
N SER B 62 3.51 -2.15 -1.39
CA SER B 62 2.71 -1.09 -2.00
C SER B 62 3.42 0.25 -2.04
N VAL B 63 4.56 0.39 -1.38
CA VAL B 63 5.29 1.64 -1.34
C VAL B 63 6.75 1.42 -1.75
N LYS B 64 7.05 0.25 -2.29
CA LYS B 64 8.40 -0.06 -2.71
C LYS B 64 8.77 0.79 -3.92
N GLY B 65 9.84 1.58 -3.80
CA GLY B 65 10.30 2.44 -4.86
C GLY B 65 9.74 3.84 -4.80
N ARG B 66 8.46 3.97 -4.41
CA ARG B 66 7.84 5.29 -4.32
C ARG B 66 8.27 6.03 -3.06
N PHE B 67 8.31 5.33 -1.93
CA PHE B 67 8.72 5.90 -0.66
C PHE B 67 10.15 5.49 -0.35
N THR B 68 10.83 6.32 0.44
CA THR B 68 12.23 6.06 0.78
C THR B 68 12.51 6.59 2.18
N ILE B 69 12.99 5.71 3.06
CA ILE B 69 13.28 6.06 4.45
C ILE B 69 14.79 6.08 4.64
N SER B 70 15.25 6.98 5.51
CA SER B 70 16.67 7.07 5.82
C SER B 70 16.82 7.68 7.20
N ARG B 71 18.02 7.56 7.76
CA ARG B 71 18.33 8.11 9.07
C ARG B 71 19.65 8.89 9.00
N ASP B 72 19.81 9.81 9.94
CA ASP B 72 21.01 10.63 10.00
C ASP B 72 22.18 9.82 10.55
N ASN B 73 23.36 10.42 10.49
CA ASN B 73 24.57 9.74 10.98
C ASN B 73 24.59 9.70 12.49
N ALA B 74 24.54 10.86 13.13
CA ALA B 74 24.59 10.96 14.59
C ALA B 74 23.40 11.68 15.21
N ALA B 75 22.65 12.46 14.44
CA ALA B 75 21.51 13.19 14.97
C ALA B 75 20.29 12.30 15.19
N ASN B 76 20.32 11.05 14.71
CA ASN B 76 19.20 10.13 14.87
C ASN B 76 17.90 10.70 14.30
N THR B 77 18.02 11.57 13.29
CA THR B 77 16.87 12.16 12.64
C THR B 77 16.46 11.30 11.46
N VAL B 78 15.19 10.92 11.43
CA VAL B 78 14.66 10.03 10.39
C VAL B 78 13.96 10.87 9.33
N TYR B 79 14.32 10.64 8.07
CA TYR B 79 13.72 11.33 6.94
C TYR B 79 12.95 10.33 6.09
N LEU B 80 11.80 10.76 5.57
CA LEU B 80 10.96 9.93 4.72
C LEU B 80 10.53 10.76 3.51
N GLN B 81 11.02 10.36 2.33
CA GLN B 81 10.63 10.99 1.09
C GLN B 81 9.53 10.19 0.42
N MET B 82 8.49 10.87 -0.05
CA MET B 82 7.36 10.26 -0.71
C MET B 82 7.15 10.94 -2.05
N ASN B 83 7.19 10.15 -3.12
CA ASN B 83 7.01 10.65 -4.48
C ASN B 83 5.88 9.90 -5.15
N SER B 84 5.27 10.55 -6.15
CA SER B 84 4.14 9.97 -6.87
C SER B 84 3.03 9.56 -5.91
N LEU B 85 2.67 10.47 -5.02
CA LEU B 85 1.65 10.19 -4.03
C LEU B 85 0.31 9.92 -4.68
N LYS B 86 -0.45 9.01 -4.09
CA LYS B 86 -1.77 8.62 -4.58
C LYS B 86 -2.85 9.04 -3.59
N PRO B 87 -4.11 9.12 -4.02
CA PRO B 87 -5.17 9.52 -3.10
C PRO B 87 -5.31 8.61 -1.90
N GLU B 88 -4.97 7.33 -2.03
CA GLU B 88 -5.10 6.38 -0.93
C GLU B 88 -3.97 6.48 0.08
N ASP B 89 -3.07 7.46 -0.07
CA ASP B 89 -1.96 7.62 0.86
C ASP B 89 -2.27 8.55 2.02
N THR B 90 -3.40 9.24 1.99
CA THR B 90 -3.76 10.15 3.07
C THR B 90 -4.01 9.35 4.35
N ALA B 91 -3.31 9.70 5.42
CA ALA B 91 -3.40 8.97 6.67
C ALA B 91 -2.57 9.70 7.72
N VAL B 92 -2.59 9.18 8.94
CA VAL B 92 -1.71 9.66 10.00
C VAL B 92 -0.45 8.81 9.98
N TYR B 93 0.70 9.45 9.77
CA TYR B 93 1.98 8.78 9.70
C TYR B 93 2.65 8.85 11.07
N TYR B 94 2.86 7.70 11.68
CA TYR B 94 3.52 7.58 12.97
C TYR B 94 4.96 7.10 12.79
N CYS B 95 5.82 7.47 13.74
CA CYS B 95 7.21 7.07 13.75
C CYS B 95 7.41 6.08 14.91
N ASN B 96 7.77 4.85 14.57
CA ASN B 96 7.99 3.80 15.55
C ASN B 96 9.49 3.59 15.73
N VAL B 97 9.96 3.73 16.96
CA VAL B 97 11.36 3.50 17.32
C VAL B 97 11.40 2.25 18.20
N LYS B 98 11.93 1.16 17.65
CA LYS B 98 12.07 -0.11 18.37
C LYS B 98 13.49 -0.19 18.89
N ASP B 99 13.66 -0.02 20.19
CA ASP B 99 14.96 -0.07 20.84
C ASP B 99 15.17 -1.42 21.51
N PHE B 100 16.37 -1.97 21.36
CA PHE B 100 16.74 -3.26 21.94
C PHE B 100 17.67 -3.09 23.13
N GLY B 101 17.43 -2.05 23.93
CA GLY B 101 18.26 -1.85 25.12
C GLY B 101 18.33 -3.10 25.99
N ALA B 102 17.17 -3.66 26.32
CA ALA B 102 17.09 -4.94 27.01
C ALA B 102 17.11 -6.05 25.96
N ILE B 103 18.17 -6.87 25.98
CA ILE B 103 18.33 -7.90 24.96
C ILE B 103 17.17 -8.89 25.00
N VAL B 104 16.54 -9.04 26.17
CA VAL B 104 15.45 -10.01 26.32
C VAL B 104 14.12 -9.51 25.78
N ALA B 105 14.03 -8.26 25.36
CA ALA B 105 12.77 -7.70 24.88
C ALA B 105 13.09 -6.49 24.00
N ASP B 106 12.06 -5.70 23.70
CA ASP B 106 12.24 -4.48 22.91
C ASP B 106 11.19 -3.46 23.37
N ARG B 107 11.57 -2.19 23.26
CA ARG B 107 10.71 -1.09 23.69
C ARG B 107 10.31 -0.27 22.47
N ASP B 108 9.02 0.03 22.35
CA ASP B 108 8.49 0.78 21.22
C ASP B 108 8.15 2.20 21.64
N TYR B 109 8.70 3.18 20.92
CA TYR B 109 8.41 4.58 21.14
C TYR B 109 7.65 5.15 19.95
N TRP B 110 6.62 5.95 20.24
CA TRP B 110 5.80 6.60 19.23
C TRP B 110 5.80 8.10 19.49
N GLY B 111 5.48 8.85 18.44
CA GLY B 111 5.46 10.30 18.52
C GLY B 111 4.13 10.92 18.15
N GLN B 112 3.07 10.12 18.17
CA GLN B 112 1.71 10.51 17.85
C GLN B 112 1.51 10.79 16.36
N GLY B 113 2.56 10.70 15.55
CA GLY B 113 2.42 10.88 14.12
C GLY B 113 1.87 12.24 13.74
N THR B 114 1.71 12.42 12.43
CA THR B 114 1.17 13.67 11.87
C THR B 114 0.28 13.33 10.68
N GLN B 115 -0.69 14.20 10.44
CA GLN B 115 -1.65 13.98 9.35
C GLN B 115 -1.01 14.28 8.01
N VAL B 116 -1.43 13.55 6.98
CA VAL B 116 -0.99 13.77 5.61
C VAL B 116 -2.21 13.55 4.71
N THR B 117 -2.50 14.53 3.85
CA THR B 117 -3.64 14.50 2.96
C THR B 117 -3.17 14.67 1.53
N VAL B 118 -3.69 13.85 0.63
CA VAL B 118 -3.38 13.91 -0.80
C VAL B 118 -4.64 14.33 -1.53
N SER B 119 -4.55 15.44 -2.28
CA SER B 119 -5.69 15.96 -2.99
C SER B 119 -5.90 15.20 -4.31
N SER B 120 -7.08 15.41 -4.90
CA SER B 120 -7.42 14.79 -6.18
C SER B 120 -8.13 15.76 -7.12
N LEU B 121 -7.98 17.06 -6.90
CA LEU B 121 -8.66 18.06 -7.72
C LEU B 121 -7.93 18.24 -9.05
N GLU B 122 -8.66 18.78 -10.02
CA GLU B 122 -8.13 19.07 -11.35
C GLU B 122 -8.05 20.58 -11.56
N HIS B 123 -7.08 20.99 -12.38
CA HIS B 123 -6.86 22.40 -12.67
C HIS B 123 -6.51 22.55 -14.15
N HIS B 124 -6.83 23.73 -14.69
CA HIS B 124 -6.54 24.03 -16.08
C HIS B 124 -7.17 22.99 -17.02
N GLU C 59 32.43 34.54 -36.30
CA GLU C 59 32.26 34.61 -34.82
C GLU C 59 32.09 33.20 -34.24
N HIS C 60 32.54 33.02 -33.00
CA HIS C 60 32.47 31.72 -32.32
C HIS C 60 32.31 31.96 -30.83
N PRO C 61 31.13 32.37 -30.39
CA PRO C 61 30.92 32.59 -28.95
C PRO C 61 31.00 31.29 -28.17
N ASP C 62 31.42 31.40 -26.91
CA ASP C 62 31.54 30.23 -26.05
C ASP C 62 30.16 29.66 -25.74
N LYS C 63 30.10 28.35 -25.56
CA LYS C 63 28.84 27.65 -25.29
C LYS C 63 27.83 27.93 -26.38
N LEU C 64 28.29 27.91 -27.63
CA LEU C 64 27.43 28.26 -28.76
C LEU C 64 26.15 27.45 -28.75
N GLU C 65 26.24 26.14 -28.51
CA GLU C 65 25.05 25.31 -28.46
C GLU C 65 24.09 25.75 -27.35
N GLU C 66 24.60 26.38 -26.29
CA GLU C 66 23.77 26.89 -25.22
C GLU C 66 23.43 28.37 -25.38
N LYS C 67 24.21 29.11 -26.18
CA LYS C 67 23.89 30.51 -26.42
C LYS C 67 22.79 30.66 -27.48
N PHE C 68 22.79 29.79 -28.48
CA PHE C 68 21.83 29.93 -29.57
C PHE C 68 20.39 29.84 -29.11
N PRO C 69 19.99 28.90 -28.25
CA PRO C 69 18.57 28.83 -27.86
C PRO C 69 18.05 30.12 -27.26
N GLN C 70 18.76 30.69 -26.28
CA GLN C 70 18.30 31.89 -25.62
C GLN C 70 18.35 33.13 -26.51
N VAL C 71 19.20 33.12 -27.53
CA VAL C 71 19.28 34.26 -28.45
C VAL C 71 18.17 34.19 -29.48
N ALA C 72 18.03 33.06 -30.15
CA ALA C 72 16.99 32.88 -31.16
C ALA C 72 15.66 32.54 -30.52
N PRO C 78 22.68 34.72 -34.68
CA PRO C 78 23.48 34.68 -35.91
C PRO C 78 22.66 34.25 -37.12
N ASP C 79 22.99 34.78 -38.30
CA ASP C 79 22.27 34.43 -39.52
C ASP C 79 22.37 32.93 -39.80
N ILE C 80 23.59 32.40 -39.75
CA ILE C 80 23.84 30.98 -39.99
C ILE C 80 24.63 30.43 -38.82
N ILE C 81 24.29 29.22 -38.39
CA ILE C 81 24.94 28.56 -37.25
C ILE C 81 25.61 27.29 -37.75
N PHE C 82 26.88 27.12 -37.38
CA PHE C 82 27.66 25.95 -37.78
C PHE C 82 27.87 25.09 -36.53
N TRP C 83 27.07 24.03 -36.40
CA TRP C 83 27.14 23.12 -35.28
C TRP C 83 26.62 21.76 -35.73
N ALA C 84 26.85 20.74 -34.90
CA ALA C 84 26.40 19.40 -35.22
C ALA C 84 24.88 19.37 -35.38
N HIS C 85 24.40 18.29 -36.01
CA HIS C 85 22.98 18.14 -36.26
C HIS C 85 22.20 17.67 -35.04
N ASP C 86 22.87 17.11 -34.04
CA ASP C 86 22.16 16.62 -32.87
C ASP C 86 21.45 17.74 -32.12
N ARG C 87 21.97 18.97 -32.19
CA ARG C 87 21.32 20.08 -31.51
C ARG C 87 20.24 20.71 -32.37
N PHE C 88 20.32 20.57 -33.68
CA PHE C 88 19.31 21.18 -34.56
C PHE C 88 17.93 20.59 -34.32
N GLY C 89 17.85 19.38 -33.77
CA GLY C 89 16.55 18.79 -33.48
C GLY C 89 15.75 19.63 -32.50
N GLY C 90 16.35 19.94 -31.35
CA GLY C 90 15.66 20.77 -30.38
C GLY C 90 15.40 22.17 -30.87
N TYR C 91 16.27 22.69 -31.74
CA TYR C 91 16.06 24.02 -32.30
C TYR C 91 14.84 24.03 -33.21
N ALA C 92 14.71 23.03 -34.08
CA ALA C 92 13.56 22.94 -34.96
C ALA C 92 12.29 22.55 -34.22
N GLN C 93 12.41 21.87 -33.09
CA GLN C 93 11.21 21.49 -32.33
C GLN C 93 10.42 22.72 -31.90
N SER C 94 11.11 23.83 -31.62
CA SER C 94 10.46 25.07 -31.21
C SER C 94 10.35 26.08 -32.34
N GLY C 95 11.09 25.89 -33.44
CA GLY C 95 10.99 26.79 -34.58
C GLY C 95 12.07 27.85 -34.61
N LEU C 96 13.29 27.47 -34.25
CA LEU C 96 14.41 28.42 -34.28
C LEU C 96 15.14 28.43 -35.62
N LEU C 97 15.17 27.29 -36.31
CA LEU C 97 15.84 27.19 -37.61
C LEU C 97 14.82 27.34 -38.73
N ALA C 98 15.20 28.10 -39.76
CA ALA C 98 14.34 28.27 -40.92
C ALA C 98 14.51 27.10 -41.88
N GLU C 99 13.38 26.62 -42.41
CA GLU C 99 13.38 25.48 -43.32
C GLU C 99 13.79 25.97 -44.70
N ILE C 100 15.08 25.88 -44.99
CA ILE C 100 15.61 26.29 -46.29
C ILE C 100 15.25 25.23 -47.33
N THR C 101 14.86 25.68 -48.51
CA THR C 101 14.49 24.76 -49.59
C THR C 101 15.72 24.33 -50.35
N PRO C 102 16.10 23.05 -50.32
CA PRO C 102 17.28 22.60 -51.06
C PRO C 102 16.97 22.38 -52.54
N ASP C 103 18.02 22.15 -53.31
CA ASP C 103 17.93 21.93 -54.74
C ASP C 103 18.47 20.55 -55.08
N LYS C 104 17.89 19.92 -56.11
CA LYS C 104 18.34 18.60 -56.52
C LYS C 104 19.80 18.62 -56.94
N ALA C 105 20.22 19.67 -57.66
CA ALA C 105 21.62 19.77 -58.05
C ALA C 105 22.54 19.88 -56.85
N PHE C 106 22.07 20.50 -55.76
CA PHE C 106 22.87 20.61 -54.56
C PHE C 106 22.85 19.32 -53.75
N GLN C 107 21.76 18.55 -53.84
CA GLN C 107 21.71 17.26 -53.15
C GLN C 107 22.55 16.21 -53.87
N ASP C 108 22.69 16.33 -55.20
CA ASP C 108 23.45 15.35 -55.95
C ASP C 108 24.94 15.42 -55.63
N LYS C 109 25.48 16.61 -55.41
CA LYS C 109 26.90 16.78 -55.15
C LYS C 109 27.30 16.37 -53.73
N LEU C 110 26.35 15.99 -52.89
CA LEU C 110 26.63 15.56 -51.52
C LEU C 110 26.27 14.09 -51.36
N TYR C 111 26.85 13.49 -50.33
CA TYR C 111 26.65 12.07 -50.08
C TYR C 111 25.25 11.81 -49.50
N PRO C 112 24.70 10.62 -49.72
CA PRO C 112 23.35 10.35 -49.19
C PRO C 112 23.34 10.09 -47.69
N PHE C 113 24.37 9.46 -47.14
CA PHE C 113 24.40 9.20 -45.70
C PHE C 113 24.45 10.49 -44.90
N THR C 114 25.09 11.53 -45.43
CA THR C 114 25.07 12.82 -44.76
C THR C 114 23.66 13.39 -44.70
N TRP C 115 22.92 13.29 -45.81
CA TRP C 115 21.52 13.74 -45.80
C TRP C 115 20.69 12.92 -44.82
N ASP C 116 20.94 11.60 -44.75
CA ASP C 116 20.22 10.78 -43.79
C ASP C 116 20.53 11.21 -42.36
N ALA C 117 21.79 11.50 -42.06
CA ALA C 117 22.15 11.96 -40.73
C ALA C 117 21.49 13.28 -40.40
N VAL C 118 21.48 14.22 -41.34
CA VAL C 118 20.86 15.52 -41.11
C VAL C 118 19.35 15.49 -41.28
N ARG C 119 18.79 14.37 -41.71
CA ARG C 119 17.34 14.28 -41.88
C ARG C 119 16.64 14.15 -40.54
N TYR C 120 15.48 14.78 -40.43
CA TYR C 120 14.68 14.72 -39.21
C TYR C 120 13.22 14.97 -39.56
N ASN C 121 12.34 14.09 -39.11
CA ASN C 121 10.91 14.16 -39.38
C ASN C 121 10.61 14.12 -40.88
N GLY C 122 11.54 13.63 -41.68
CA GLY C 122 11.34 13.52 -43.11
C GLY C 122 11.61 14.77 -43.90
N LYS C 123 12.26 15.77 -43.31
CA LYS C 123 12.58 17.01 -43.98
C LYS C 123 14.04 17.37 -43.76
N LEU C 124 14.62 18.06 -44.73
CA LEU C 124 16.02 18.49 -44.66
C LEU C 124 16.09 19.83 -43.95
N ILE C 125 16.90 19.89 -42.89
CA ILE C 125 17.03 21.12 -42.10
C ILE C 125 18.15 22.00 -42.63
N ALA C 126 19.37 21.48 -42.70
CA ALA C 126 20.52 22.24 -43.13
C ALA C 126 21.39 21.39 -44.04
N TYR C 127 22.42 22.02 -44.61
CA TYR C 127 23.34 21.35 -45.53
C TYR C 127 24.51 20.76 -44.75
N PRO C 128 24.82 19.47 -44.91
CA PRO C 128 26.01 18.92 -44.26
C PRO C 128 27.27 19.56 -44.80
N ILE C 129 28.28 19.63 -43.93
CA ILE C 129 29.57 20.24 -44.28
C ILE C 129 30.63 19.15 -44.33
N ALA C 130 30.80 18.43 -43.21
CA ALA C 130 31.79 17.37 -43.13
C ALA C 130 31.40 16.43 -42.01
N VAL C 131 32.04 15.26 -42.00
CA VAL C 131 31.78 14.22 -41.00
C VAL C 131 32.97 14.17 -40.05
N GLU C 132 32.69 14.17 -38.76
CA GLU C 132 33.72 14.14 -37.72
C GLU C 132 33.51 12.93 -36.82
N ALA C 133 34.62 12.31 -36.42
CA ALA C 133 34.56 11.14 -35.54
C ALA C 133 35.84 11.10 -34.71
N LEU C 134 35.72 10.55 -33.50
CA LEU C 134 36.85 10.47 -32.60
C LEU C 134 37.79 9.34 -33.01
N SER C 135 39.08 9.56 -32.75
CA SER C 135 40.12 8.60 -33.07
C SER C 135 41.26 8.73 -32.06
N LEU C 136 42.00 7.63 -31.89
CA LEU C 136 43.12 7.61 -30.96
C LEU C 136 44.35 8.19 -31.64
N ILE C 137 44.79 9.36 -31.18
CA ILE C 137 45.94 10.05 -31.73
C ILE C 137 47.13 9.81 -30.80
N TYR C 138 48.16 9.17 -31.32
CA TYR C 138 49.34 8.84 -30.52
C TYR C 138 50.58 9.42 -31.19
N ASN C 139 51.61 9.65 -30.38
CA ASN C 139 52.87 10.19 -30.85
C ASN C 139 53.84 9.05 -31.12
N LYS C 140 54.32 8.95 -32.37
CA LYS C 140 55.25 7.89 -32.72
C LYS C 140 56.56 7.98 -31.96
N ASP C 141 56.90 9.16 -31.44
CA ASP C 141 58.15 9.33 -30.71
C ASP C 141 58.09 8.71 -29.32
N LEU C 142 56.91 8.34 -28.84
CA LEU C 142 56.74 7.75 -27.51
C LEU C 142 56.59 6.24 -27.53
N LEU C 143 55.83 5.69 -28.48
CA LEU C 143 55.61 4.26 -28.58
C LEU C 143 55.55 3.86 -30.05
N PRO C 144 56.03 2.67 -30.40
CA PRO C 144 56.01 2.27 -31.82
C PRO C 144 54.62 1.93 -32.32
N ASN C 145 53.83 1.20 -31.54
CA ASN C 145 52.50 0.78 -31.94
C ASN C 145 51.48 1.19 -30.88
N PRO C 146 50.24 1.50 -31.29
CA PRO C 146 49.25 1.92 -30.30
C PRO C 146 48.60 0.72 -29.64
N PRO C 147 48.10 0.85 -28.42
CA PRO C 147 47.40 -0.26 -27.78
C PRO C 147 46.12 -0.61 -28.53
N LYS C 148 45.80 -1.90 -28.58
CA LYS C 148 44.61 -2.37 -29.26
C LYS C 148 43.41 -2.55 -28.34
N THR C 149 43.64 -2.64 -27.03
CA THR C 149 42.57 -2.87 -26.07
C THR C 149 42.80 -1.97 -24.86
N TRP C 150 41.69 -1.47 -24.28
CA TRP C 150 41.79 -0.56 -23.15
C TRP C 150 42.53 -1.20 -21.98
N GLU C 151 42.36 -2.52 -21.78
CA GLU C 151 42.96 -3.18 -20.63
C GLU C 151 44.48 -3.05 -20.60
N GLU C 152 45.12 -2.77 -21.74
CA GLU C 152 46.57 -2.63 -21.78
C GLU C 152 47.05 -1.20 -21.56
N ILE C 153 46.14 -0.24 -21.48
CA ILE C 153 46.53 1.16 -21.26
C ILE C 153 46.99 1.35 -19.82
N PRO C 154 46.28 0.81 -18.82
CA PRO C 154 46.77 0.95 -17.45
C PRO C 154 48.18 0.44 -17.25
N ALA C 155 48.61 -0.54 -18.05
CA ALA C 155 49.98 -1.05 -17.93
C ALA C 155 50.96 -0.12 -18.63
N LEU C 156 50.79 0.08 -19.95
CA LEU C 156 51.68 0.96 -20.69
C LEU C 156 51.86 2.29 -19.97
N ASP C 157 50.75 2.88 -19.51
CA ASP C 157 50.84 4.14 -18.78
C ASP C 157 51.83 4.03 -17.62
N LYS C 158 51.61 3.07 -16.72
CA LYS C 158 52.51 2.92 -15.58
C LYS C 158 53.91 2.48 -15.98
N GLU C 159 54.11 2.09 -17.24
CA GLU C 159 55.45 1.79 -17.74
C GLU C 159 56.16 3.02 -18.26
N LEU C 160 55.45 4.12 -18.51
CA LEU C 160 56.06 5.35 -18.99
C LEU C 160 56.42 6.30 -17.85
N LYS C 161 55.49 6.53 -16.93
CA LYS C 161 55.73 7.42 -15.81
C LYS C 161 56.58 6.73 -14.74
N LEU C 168 47.47 7.84 -21.56
CA LEU C 168 46.29 8.37 -22.25
C LEU C 168 45.71 9.56 -21.47
N MET C 169 45.33 10.61 -22.20
CA MET C 169 44.74 11.79 -21.59
C MET C 169 43.91 12.50 -22.63
N PHE C 170 42.64 12.74 -22.30
CA PHE C 170 41.72 13.42 -23.21
C PHE C 170 40.82 14.34 -22.37
N ASN C 171 39.82 14.93 -23.02
CA ASN C 171 38.91 15.84 -22.35
C ASN C 171 37.98 15.05 -21.43
N LEU C 172 38.13 15.25 -20.12
CA LEU C 172 37.28 14.60 -19.13
C LEU C 172 36.04 15.41 -18.78
N GLN C 173 35.96 16.66 -19.22
CA GLN C 173 34.79 17.49 -18.91
C GLN C 173 33.65 17.22 -19.88
N GLU C 174 33.95 17.24 -21.18
CA GLU C 174 32.91 16.99 -22.18
C GLU C 174 32.57 15.51 -22.24
N PRO C 175 31.29 15.13 -22.19
CA PRO C 175 30.94 13.71 -22.22
C PRO C 175 31.12 13.05 -23.59
N TYR C 176 31.26 13.83 -24.65
CA TYR C 176 31.39 13.24 -25.99
C TYR C 176 32.72 12.50 -26.15
N PHE C 177 33.75 12.92 -25.40
CA PHE C 177 35.05 12.28 -25.54
C PHE C 177 35.14 10.97 -24.75
N THR C 178 34.38 10.85 -23.66
CA THR C 178 34.39 9.65 -22.83
C THR C 178 33.22 8.71 -23.13
N TRP C 179 32.24 9.14 -23.91
CA TRP C 179 31.13 8.25 -24.25
C TRP C 179 31.57 7.01 -25.00
N PRO C 180 32.61 7.05 -25.85
CA PRO C 180 33.01 5.79 -26.52
C PRO C 180 33.35 4.68 -25.55
N LEU C 181 34.08 5.00 -24.47
CA LEU C 181 34.42 3.97 -23.49
C LEU C 181 33.18 3.42 -22.80
N ILE C 182 32.19 4.28 -22.55
CA ILE C 182 30.97 3.83 -21.87
C ILE C 182 30.15 2.94 -22.79
N ALA C 183 30.07 3.30 -24.08
CA ALA C 183 29.26 2.53 -25.02
C ALA C 183 29.99 1.34 -25.61
N ALA C 184 31.29 1.20 -25.34
CA ALA C 184 32.05 0.09 -25.89
C ALA C 184 31.45 -1.25 -25.50
N ASP C 185 31.10 -1.40 -24.22
CA ASP C 185 30.56 -2.65 -23.70
C ASP C 185 29.06 -2.80 -23.90
N GLY C 186 28.47 -2.00 -24.80
CA GLY C 186 27.06 -2.10 -25.11
C GLY C 186 26.20 -0.96 -24.60
N GLY C 187 26.80 0.08 -24.01
CA GLY C 187 26.00 1.21 -23.55
C GLY C 187 25.34 1.92 -24.71
N TYR C 188 24.08 2.27 -24.52
CA TYR C 188 23.30 2.91 -25.57
C TYR C 188 22.27 3.84 -24.94
N ALA C 189 21.68 4.70 -25.78
CA ALA C 189 20.64 5.61 -25.36
C ALA C 189 19.73 5.88 -26.54
N PHE C 190 18.42 5.81 -26.31
CA PHE C 190 17.43 5.94 -27.37
C PHE C 190 17.65 4.86 -28.45
N LYS C 191 17.49 3.61 -28.01
CA LYS C 191 17.76 2.47 -28.87
C LYS C 191 17.07 2.63 -30.22
N TYR C 192 17.79 2.28 -31.28
CA TYR C 192 17.28 2.36 -32.64
C TYR C 192 16.71 1.00 -33.02
N GLU C 193 15.39 0.86 -32.93
CA GLU C 193 14.70 -0.39 -33.23
C GLU C 193 13.66 -0.15 -34.30
N ASN C 194 13.55 -1.10 -35.23
CA ASN C 194 12.57 -1.02 -36.33
C ASN C 194 12.71 0.29 -37.11
N GLY C 195 13.91 0.87 -37.10
CA GLY C 195 14.16 2.09 -37.83
C GLY C 195 13.75 3.37 -37.13
N LYS C 196 13.41 3.30 -35.84
CA LYS C 196 13.01 4.48 -35.08
C LYS C 196 13.64 4.44 -33.70
N TYR C 197 13.81 5.62 -33.11
CA TYR C 197 14.38 5.73 -31.78
C TYR C 197 13.30 5.50 -30.72
N ASP C 198 13.67 4.77 -29.67
CA ASP C 198 12.76 4.49 -28.55
C ASP C 198 13.12 5.44 -27.42
N ILE C 199 12.27 6.46 -27.22
CA ILE C 199 12.55 7.45 -26.18
C ILE C 199 12.39 6.83 -24.80
N LYS C 200 11.50 5.85 -24.65
CA LYS C 200 11.29 5.21 -23.35
C LYS C 200 12.38 4.22 -22.99
N ASP C 201 13.09 3.67 -23.99
CA ASP C 201 14.14 2.69 -23.75
C ASP C 201 15.48 3.43 -23.67
N VAL C 202 15.85 3.79 -22.44
CA VAL C 202 17.12 4.46 -22.17
C VAL C 202 18.02 3.44 -21.47
N GLY C 203 19.04 2.97 -22.17
CA GLY C 203 19.91 1.93 -21.64
C GLY C 203 21.22 2.45 -21.11
N VAL C 204 21.20 3.64 -20.49
CA VAL C 204 22.42 4.19 -19.90
C VAL C 204 22.73 3.57 -18.55
N ASP C 205 21.85 2.74 -18.01
CA ASP C 205 22.06 2.05 -16.73
C ASP C 205 22.32 0.57 -16.90
N ASN C 206 22.54 0.11 -18.13
CA ASN C 206 22.77 -1.31 -18.38
C ASN C 206 24.14 -1.73 -17.86
N ALA C 207 24.47 -3.00 -18.05
CA ALA C 207 25.75 -3.51 -17.58
C ALA C 207 26.91 -2.93 -18.38
N GLY C 208 26.72 -2.68 -19.68
CA GLY C 208 27.80 -2.15 -20.48
C GLY C 208 28.23 -0.76 -20.04
N ALA C 209 27.28 0.15 -19.91
CA ALA C 209 27.60 1.50 -19.46
C ALA C 209 28.15 1.48 -18.04
N LYS C 210 27.62 0.62 -17.18
CA LYS C 210 28.15 0.50 -15.82
C LYS C 210 29.61 0.08 -15.84
N ALA C 211 29.95 -0.94 -16.63
CA ALA C 211 31.33 -1.38 -16.71
C ALA C 211 32.22 -0.29 -17.28
N GLY C 212 31.76 0.39 -18.33
CA GLY C 212 32.54 1.46 -18.90
C GLY C 212 32.85 2.56 -17.89
N LEU C 213 31.82 2.99 -17.15
CA LEU C 213 32.01 4.09 -16.21
C LEU C 213 32.84 3.67 -15.00
N THR C 214 32.66 2.43 -14.53
CA THR C 214 33.48 1.98 -13.41
C THR C 214 34.94 1.85 -13.82
N PHE C 215 35.18 1.38 -15.06
CA PHE C 215 36.55 1.34 -15.57
C PHE C 215 37.13 2.74 -15.70
N LEU C 216 36.31 3.70 -16.16
CA LEU C 216 36.78 5.08 -16.28
C LEU C 216 37.19 5.63 -14.92
N VAL C 217 36.33 5.46 -13.90
CA VAL C 217 36.66 6.01 -12.59
C VAL C 217 37.84 5.27 -11.98
N ASP C 218 37.99 3.97 -12.26
CA ASP C 218 39.15 3.25 -11.77
C ASP C 218 40.44 3.78 -12.39
N LEU C 219 40.42 4.04 -13.70
CA LEU C 219 41.58 4.63 -14.35
C LEU C 219 41.87 6.02 -13.79
N ILE C 220 40.83 6.80 -13.52
CA ILE C 220 41.03 8.13 -12.96
C ILE C 220 41.66 8.04 -11.57
N LYS C 221 41.24 7.05 -10.78
CA LYS C 221 41.78 6.90 -9.43
C LYS C 221 43.17 6.30 -9.43
N ASN C 222 43.58 5.64 -10.51
CA ASN C 222 44.88 4.99 -10.59
C ASN C 222 46.01 5.95 -10.94
N LYS C 223 45.79 7.26 -10.82
CA LYS C 223 46.83 8.26 -11.10
C LYS C 223 47.26 8.20 -12.57
N HIS C 224 46.28 8.03 -13.46
CA HIS C 224 46.53 7.99 -14.90
C HIS C 224 46.01 9.23 -15.62
N MET C 225 44.89 9.78 -15.17
CA MET C 225 44.32 10.97 -15.78
C MET C 225 43.84 11.90 -14.68
N ASN C 226 43.98 13.20 -14.92
CA ASN C 226 43.57 14.21 -13.96
C ASN C 226 42.04 14.36 -13.97
N ALA C 227 41.50 14.70 -12.81
CA ALA C 227 40.06 14.88 -12.68
C ALA C 227 39.58 16.26 -13.12
N ASP C 228 40.50 17.17 -13.43
CA ASP C 228 40.14 18.51 -13.87
C ASP C 228 40.66 18.82 -15.27
N THR C 229 41.20 17.85 -15.97
CA THR C 229 41.71 18.06 -17.32
C THR C 229 40.58 18.37 -18.28
N ASP C 230 40.90 19.11 -19.34
CA ASP C 230 39.93 19.52 -20.34
C ASP C 230 40.60 19.43 -21.70
N TYR C 231 39.93 19.96 -22.73
CA TYR C 231 40.48 19.93 -24.07
C TYR C 231 41.73 20.79 -24.19
N SER C 232 41.71 21.98 -23.59
CA SER C 232 42.85 22.88 -23.71
C SER C 232 44.08 22.29 -23.03
N ILE C 233 43.92 21.77 -21.81
CA ILE C 233 45.05 21.20 -21.09
C ILE C 233 45.58 19.97 -21.82
N ALA C 234 44.68 19.11 -22.32
CA ALA C 234 45.10 17.92 -23.03
C ALA C 234 45.88 18.29 -24.29
N GLU C 235 45.39 19.28 -25.04
CA GLU C 235 46.08 19.71 -26.25
C GLU C 235 47.45 20.31 -25.92
N ALA C 236 47.52 21.14 -24.88
CA ALA C 236 48.80 21.74 -24.51
C ALA C 236 49.79 20.69 -24.04
N ALA C 237 49.31 19.63 -23.39
CA ALA C 237 50.21 18.57 -22.94
C ALA C 237 50.64 17.68 -24.11
N PHE C 238 49.76 17.46 -25.08
CA PHE C 238 50.13 16.63 -26.22
C PHE C 238 51.07 17.35 -27.18
N ASN C 239 50.91 18.67 -27.31
CA ASN C 239 51.80 19.42 -28.20
C ASN C 239 53.23 19.49 -27.64
N LYS C 240 53.37 19.49 -26.32
CA LYS C 240 54.69 19.52 -25.69
C LYS C 240 55.32 18.14 -25.58
N GLY C 241 54.65 17.10 -26.03
CA GLY C 241 55.21 15.76 -25.95
C GLY C 241 55.13 15.12 -24.58
N GLU C 242 54.24 15.61 -23.71
CA GLU C 242 54.13 15.04 -22.37
C GLU C 242 53.32 13.75 -22.38
N THR C 243 52.09 13.81 -22.87
CA THR C 243 51.24 12.63 -22.93
C THR C 243 51.60 11.76 -24.13
N ALA C 244 51.37 10.46 -23.99
CA ALA C 244 51.68 9.50 -25.04
C ALA C 244 50.57 9.36 -26.06
N MET C 245 49.31 9.49 -25.65
CA MET C 245 48.19 9.33 -26.55
C MET C 245 46.99 10.10 -26.02
N THR C 246 46.04 10.36 -26.92
CA THR C 246 44.81 11.06 -26.58
C THR C 246 43.72 10.60 -27.53
N ILE C 247 42.50 11.09 -27.29
CA ILE C 247 41.35 10.79 -28.12
C ILE C 247 40.83 12.11 -28.68
N ASN C 248 40.85 12.25 -30.00
CA ASN C 248 40.46 13.51 -30.62
C ASN C 248 40.02 13.23 -32.05
N GLY C 249 39.31 14.22 -32.62
CA GLY C 249 38.78 14.09 -33.96
C GLY C 249 39.59 14.87 -34.98
N PRO C 250 39.01 15.09 -36.16
CA PRO C 250 39.77 15.78 -37.22
C PRO C 250 40.13 17.21 -36.89
N TRP C 251 39.40 17.88 -36.00
CA TRP C 251 39.66 19.28 -35.71
C TRP C 251 41.00 19.51 -35.01
N ALA C 252 41.58 18.46 -34.44
CA ALA C 252 42.85 18.60 -33.72
C ALA C 252 44.06 18.41 -34.62
N TRP C 253 43.88 18.02 -35.87
CA TRP C 253 45.02 17.81 -36.76
C TRP C 253 45.66 19.13 -37.17
N SER C 254 44.85 20.18 -37.35
CA SER C 254 45.41 21.47 -37.75
C SER C 254 46.27 22.08 -36.65
N ASN C 255 45.98 21.75 -35.39
CA ASN C 255 46.76 22.27 -34.27
C ASN C 255 47.99 21.43 -33.99
N ILE C 256 47.92 20.12 -34.22
CA ILE C 256 49.05 19.24 -33.98
C ILE C 256 50.01 19.31 -35.15
N TYR C 263 53.42 12.05 -35.96
CA TYR C 263 52.41 11.38 -35.13
C TYR C 263 51.55 10.46 -35.97
N GLY C 264 50.65 9.73 -35.31
CA GLY C 264 49.76 8.81 -36.00
C GLY C 264 48.40 8.79 -35.34
N VAL C 265 47.43 8.23 -36.07
CA VAL C 265 46.06 8.11 -35.59
C VAL C 265 45.55 6.73 -35.95
N THR C 266 44.68 6.19 -35.10
CA THR C 266 44.15 4.85 -35.29
C THR C 266 42.77 4.76 -34.65
N VAL C 267 42.19 3.56 -34.74
CA VAL C 267 40.88 3.31 -34.14
C VAL C 267 41.01 3.31 -32.63
N LEU C 268 39.90 3.57 -31.95
CA LEU C 268 39.90 3.56 -30.50
C LEU C 268 40.11 2.13 -30.00
N PRO C 269 40.74 1.95 -28.84
CA PRO C 269 40.98 0.60 -28.33
C PRO C 269 39.68 -0.09 -27.95
N THR C 270 39.69 -1.42 -28.00
CA THR C 270 38.54 -2.20 -27.60
C THR C 270 38.46 -2.31 -26.09
N PHE C 271 37.25 -2.61 -25.59
CA PHE C 271 37.00 -2.75 -24.16
C PHE C 271 36.24 -4.04 -23.92
N LYS C 272 36.80 -4.91 -23.09
CA LYS C 272 36.20 -6.20 -22.78
C LYS C 272 35.90 -6.98 -24.07
N GLY C 273 36.78 -6.84 -25.05
CA GLY C 273 36.62 -7.52 -26.32
C GLY C 273 35.72 -6.79 -27.28
N GLN C 274 34.86 -5.92 -26.77
CA GLN C 274 33.94 -5.19 -27.62
C GLN C 274 34.59 -3.91 -28.15
N PRO C 275 34.22 -3.46 -29.35
CA PRO C 275 34.83 -2.25 -29.90
C PRO C 275 34.20 -0.99 -29.32
N SER C 276 34.98 0.09 -29.34
CA SER C 276 34.47 1.37 -28.89
C SER C 276 33.45 1.93 -29.88
N LYS C 277 32.38 2.52 -29.34
CA LYS C 277 31.30 3.04 -30.16
C LYS C 277 31.23 4.56 -30.04
N PRO C 278 32.09 5.29 -30.75
CA PRO C 278 32.04 6.76 -30.67
C PRO C 278 30.92 7.33 -31.52
N PHE C 279 30.29 8.38 -31.01
CA PHE C 279 29.23 9.05 -31.76
C PHE C 279 29.83 9.82 -32.92
N VAL C 280 29.13 9.82 -34.06
CA VAL C 280 29.56 10.52 -35.26
C VAL C 280 28.80 11.83 -35.35
N GLY C 281 29.51 12.95 -35.24
CA GLY C 281 28.89 14.26 -35.31
C GLY C 281 29.06 14.92 -36.65
N VAL C 282 27.99 14.94 -37.44
CA VAL C 282 28.03 15.55 -38.77
C VAL C 282 27.70 17.03 -38.62
N LEU C 283 28.65 17.88 -39.02
CA LEU C 283 28.45 19.32 -38.94
C LEU C 283 27.47 19.79 -40.01
N SER C 284 26.58 20.69 -39.63
CA SER C 284 25.58 21.22 -40.54
C SER C 284 25.35 22.69 -40.25
N ALA C 285 24.71 23.37 -41.19
CA ALA C 285 24.42 24.79 -41.05
C ALA C 285 23.14 25.00 -40.26
N ASP C 335 43.85 8.98 -47.45
CA ASP C 335 44.82 9.28 -46.40
C ASP C 335 44.61 8.37 -45.20
N PRO C 336 45.67 8.11 -44.43
CA PRO C 336 45.51 7.26 -43.24
C PRO C 336 44.65 7.89 -42.16
N ARG C 337 44.70 9.21 -42.01
CA ARG C 337 43.88 9.87 -41.00
C ARG C 337 42.40 9.75 -41.33
N ILE C 338 42.03 10.03 -42.59
CA ILE C 338 40.63 9.89 -43.00
C ILE C 338 40.20 8.43 -42.88
N ALA C 339 41.11 7.49 -43.18
CA ALA C 339 40.78 6.08 -43.05
C ALA C 339 40.45 5.73 -41.60
N ALA C 340 41.31 6.15 -40.67
CA ALA C 340 41.06 5.88 -39.26
C ALA C 340 39.77 6.55 -38.80
N THR C 341 39.51 7.77 -39.26
CA THR C 341 38.29 8.47 -38.87
C THR C 341 37.06 7.72 -39.35
N MET C 342 37.06 7.29 -40.61
CA MET C 342 35.92 6.55 -41.14
C MET C 342 35.77 5.19 -40.47
N GLU C 343 36.87 4.56 -40.07
CA GLU C 343 36.77 3.30 -39.35
C GLU C 343 36.16 3.50 -37.97
N ASN C 344 36.58 4.56 -37.26
CA ASN C 344 35.97 4.88 -35.97
C ASN C 344 34.49 5.19 -36.15
N ALA C 345 34.14 5.86 -37.25
CA ALA C 345 32.74 6.20 -37.49
C ALA C 345 31.91 4.95 -37.73
N GLN C 346 32.32 4.11 -38.68
CA GLN C 346 31.58 2.88 -38.97
C GLN C 346 31.57 1.92 -37.78
N LYS C 347 32.55 2.01 -36.88
CA LYS C 347 32.49 1.23 -35.65
C LYS C 347 31.48 1.81 -34.67
N GLY C 348 31.19 3.10 -34.78
CA GLY C 348 30.22 3.75 -33.92
C GLY C 348 28.86 3.87 -34.56
N GLU C 349 28.18 4.97 -34.26
CA GLU C 349 26.84 5.23 -34.79
C GLU C 349 26.64 6.72 -34.93
N ILE C 350 25.70 7.09 -35.81
CA ILE C 350 25.39 8.50 -36.03
C ILE C 350 24.51 9.00 -34.89
N MET C 351 24.75 10.24 -34.46
CA MET C 351 23.98 10.79 -33.36
C MET C 351 22.51 10.94 -33.76
N PRO C 352 21.57 10.64 -32.87
CA PRO C 352 20.15 10.87 -33.19
C PRO C 352 19.87 12.35 -33.42
N ASN C 353 18.63 12.62 -33.83
CA ASN C 353 18.19 13.99 -34.10
C ASN C 353 16.94 14.35 -33.31
N ILE C 354 16.57 13.56 -32.31
CA ILE C 354 15.38 13.84 -31.50
C ILE C 354 15.67 15.01 -30.57
N PRO C 355 14.67 15.80 -30.18
CA PRO C 355 14.93 16.93 -29.27
C PRO C 355 15.42 16.50 -27.89
N GLN C 356 15.20 15.24 -27.50
CA GLN C 356 15.59 14.78 -26.17
C GLN C 356 17.09 14.50 -26.05
N MET C 357 17.88 14.81 -27.08
CA MET C 357 19.31 14.52 -27.03
C MET C 357 20.04 15.54 -26.16
N SER C 358 19.85 16.83 -26.46
CA SER C 358 20.56 17.89 -25.75
C SER C 358 20.50 17.68 -24.24
N ALA C 359 19.27 17.73 -23.69
CA ALA C 359 19.12 17.48 -22.26
C ALA C 359 19.82 16.20 -21.84
N PHE C 360 19.59 15.11 -22.57
CA PHE C 360 20.26 13.86 -22.26
C PHE C 360 21.76 14.06 -22.13
N TRP C 361 22.38 14.72 -23.11
CA TRP C 361 23.80 15.00 -23.03
C TRP C 361 24.14 15.64 -21.69
N TYR C 362 23.44 16.73 -21.34
CA TYR C 362 23.68 17.38 -20.07
C TYR C 362 23.65 16.38 -18.92
N ALA C 363 22.63 15.52 -18.89
CA ALA C 363 22.57 14.49 -17.87
C ALA C 363 23.88 13.71 -17.83
N VAL C 364 24.28 13.14 -18.96
CA VAL C 364 25.54 12.40 -19.02
C VAL C 364 26.67 13.26 -18.49
N ARG C 365 26.72 14.54 -18.90
CA ARG C 365 27.76 15.44 -18.41
C ARG C 365 27.82 15.40 -16.89
N THR C 366 26.67 15.58 -16.22
CA THR C 366 26.66 15.54 -14.77
C THR C 366 27.26 14.24 -14.27
N ALA C 367 26.86 13.11 -14.85
CA ALA C 367 27.43 11.83 -14.44
C ALA C 367 28.95 11.87 -14.52
N VAL C 368 29.48 12.42 -15.62
CA VAL C 368 30.92 12.57 -15.74
C VAL C 368 31.46 13.42 -14.60
N ILE C 369 30.84 14.57 -14.35
CA ILE C 369 31.27 15.41 -13.24
C ILE C 369 31.07 14.70 -11.92
N ASN C 370 30.17 13.71 -11.89
CA ASN C 370 29.95 12.91 -10.69
C ASN C 370 30.82 11.65 -10.64
N ALA C 371 31.56 11.35 -11.71
CA ALA C 371 32.40 10.17 -11.77
C ALA C 371 33.88 10.51 -11.63
N ALA C 372 34.37 11.50 -12.38
CA ALA C 372 35.79 11.84 -12.33
C ALA C 372 36.14 12.51 -11.00
N SER C 373 35.27 13.41 -10.52
CA SER C 373 35.52 14.11 -9.27
C SER C 373 35.30 13.24 -8.04
N GLY C 374 34.73 12.05 -8.20
CA GLY C 374 34.50 11.17 -7.07
C GLY C 374 33.46 11.68 -6.10
N ARG C 375 32.55 12.54 -6.54
CA ARG C 375 31.52 13.06 -5.65
C ARG C 375 30.56 11.96 -5.22
N GLN C 376 30.33 10.97 -6.07
CA GLN C 376 29.44 9.86 -5.75
C GLN C 376 29.86 8.65 -6.57
N THR C 377 29.24 7.51 -6.26
CA THR C 377 29.60 6.26 -6.91
C THR C 377 29.07 6.22 -8.34
N VAL C 378 29.29 5.09 -9.01
CA VAL C 378 28.85 4.93 -10.39
C VAL C 378 27.34 4.75 -10.45
N ASP C 379 26.79 3.92 -9.57
CA ASP C 379 25.35 3.68 -9.58
C ASP C 379 24.58 4.97 -9.35
N GLN C 380 25.03 5.79 -8.40
CA GLN C 380 24.33 7.04 -8.11
C GLN C 380 24.40 7.99 -9.29
N ALA C 381 25.55 8.08 -9.95
CA ALA C 381 25.67 8.96 -11.11
C ALA C 381 24.77 8.49 -12.25
N LEU C 382 24.73 7.19 -12.50
CA LEU C 382 23.88 6.68 -13.57
C LEU C 382 22.41 6.88 -13.25
N ALA C 383 22.02 6.72 -11.98
CA ALA C 383 20.64 6.98 -11.60
C ALA C 383 20.29 8.46 -11.75
N PHE C 384 21.22 9.34 -11.38
CA PHE C 384 21.01 10.76 -11.59
C PHE C 384 20.81 11.07 -13.06
N ALA C 385 21.63 10.48 -13.93
CA ALA C 385 21.48 10.70 -15.36
C ALA C 385 20.14 10.20 -15.85
N GLN C 386 19.74 9.00 -15.43
CA GLN C 386 18.45 8.46 -15.83
C GLN C 386 17.31 9.37 -15.40
N ILE C 387 17.38 9.89 -14.17
CA ILE C 387 16.30 10.76 -13.68
C ILE C 387 16.28 12.07 -14.46
N LEU C 388 17.47 12.62 -14.77
CA LEU C 388 17.53 13.87 -15.51
C LEU C 388 17.09 13.70 -16.95
N ILE C 389 17.20 12.50 -17.52
CA ILE C 389 16.79 12.30 -18.90
C ILE C 389 15.28 12.42 -19.05
N MET C 390 14.52 11.92 -18.06
CA MET C 390 13.07 11.96 -18.11
C MET C 390 12.59 13.41 -18.17
N PRO C 391 12.01 13.86 -19.29
CA PRO C 391 11.57 15.26 -19.37
C PRO C 391 10.19 15.50 -18.79
N ASN C 392 9.35 14.47 -18.78
CA ASN C 392 7.98 14.65 -18.31
C ASN C 392 7.92 14.95 -16.82
N LEU C 393 8.90 14.48 -16.05
CA LEU C 393 8.89 14.71 -14.61
C LEU C 393 9.15 16.18 -14.31
N THR C 394 8.37 16.75 -13.41
CA THR C 394 8.52 18.15 -13.03
C THR C 394 9.78 18.33 -12.19
N GLU C 395 10.04 19.58 -11.80
CA GLU C 395 11.21 19.87 -11.00
C GLU C 395 11.09 19.29 -9.60
N GLU C 396 9.91 19.41 -8.98
CA GLU C 396 9.73 18.89 -7.64
C GLU C 396 9.88 17.37 -7.61
N GLN C 397 9.25 16.68 -8.57
CA GLN C 397 9.38 15.22 -8.61
C GLN C 397 10.80 14.80 -8.93
N ARG C 398 11.48 15.54 -9.81
CA ARG C 398 12.87 15.23 -10.11
C ARG C 398 13.75 15.37 -8.88
N ASN C 399 13.58 16.45 -8.13
CA ASN C 399 14.37 16.64 -6.91
C ASN C 399 14.04 15.57 -5.87
N GLY C 400 12.76 15.19 -5.77
CA GLY C 400 12.39 14.13 -4.86
C GLY C 400 13.05 12.80 -5.21
N PHE C 401 13.04 12.45 -6.50
CA PHE C 401 13.69 11.22 -6.92
C PHE C 401 15.20 11.29 -6.70
N ILE C 402 15.80 12.46 -6.91
CA ILE C 402 17.22 12.62 -6.68
C ILE C 402 17.55 12.40 -5.21
N GLN C 403 16.75 12.99 -4.31
CA GLN C 403 16.98 12.79 -2.89
C GLN C 403 16.75 11.35 -2.48
N SER C 404 15.76 10.68 -3.08
CA SER C 404 15.50 9.28 -2.77
C SER C 404 16.67 8.41 -3.21
N LEU C 405 17.26 8.69 -4.37
CA LEU C 405 18.43 7.96 -4.80
C LEU C 405 19.64 8.27 -3.92
N LYS C 406 19.73 9.51 -3.42
CA LYS C 406 20.84 9.88 -2.55
C LYS C 406 20.79 9.13 -1.23
N ASP C 407 19.65 9.19 -0.54
CA ASP C 407 19.55 8.66 0.81
C ASP C 407 19.34 7.15 0.87
N ASP C 408 19.07 6.50 -0.27
CA ASP C 408 18.84 5.07 -0.26
C ASP C 408 19.14 4.46 -1.62
N PRO C 409 20.38 3.99 -1.85
CA PRO C 409 20.69 3.34 -3.13
C PRO C 409 20.36 1.86 -3.17
N SER C 410 19.98 1.25 -2.04
CA SER C 410 19.70 -0.18 -2.03
C SER C 410 18.53 -0.52 -2.95
N VAL C 411 17.53 0.35 -3.03
CA VAL C 411 16.36 0.16 -3.88
C VAL C 411 16.34 1.14 -5.05
N SER C 412 17.51 1.63 -5.47
CA SER C 412 17.56 2.60 -6.55
C SER C 412 16.87 2.08 -7.80
N LYS C 413 16.97 0.77 -8.05
CA LYS C 413 16.35 0.19 -9.24
C LYS C 413 14.83 0.34 -9.18
N GLU C 414 14.24 0.04 -8.02
CA GLU C 414 12.79 0.19 -7.87
C GLU C 414 12.38 1.65 -7.97
N ILE C 415 13.23 2.55 -7.47
CA ILE C 415 12.93 3.98 -7.56
C ILE C 415 12.91 4.42 -9.01
N LEU C 416 13.87 3.92 -9.80
CA LEU C 416 13.91 4.25 -11.22
C LEU C 416 12.71 3.65 -11.95
N ALA C 417 12.31 2.44 -11.55
CA ALA C 417 11.13 1.82 -12.14
C ALA C 417 9.89 2.66 -11.88
N GLU C 418 9.74 3.16 -10.64
CA GLU C 418 8.60 4.01 -10.32
C GLU C 418 8.68 5.33 -11.06
N ALA C 419 9.88 5.88 -11.21
CA ALA C 419 10.04 7.12 -11.98
C ALA C 419 9.61 6.92 -13.43
N LYS C 420 9.97 5.77 -14.01
CA LYS C 420 9.52 5.48 -15.38
C LYS C 420 8.02 5.31 -15.43
N LYS C 421 7.45 4.59 -14.46
CA LYS C 421 5.99 4.44 -14.40
C LYS C 421 5.30 5.80 -14.36
N LEU C 422 5.86 6.75 -13.61
CA LEU C 422 5.30 8.10 -13.54
C LEU C 422 5.58 8.89 -14.81
N ASN C 423 6.64 8.56 -15.55
CA ASN C 423 6.94 9.28 -16.79
C ASN C 423 5.83 9.11 -17.80
N GLU C 424 5.32 7.89 -17.95
CA GLU C 424 4.22 7.63 -18.87
C GLU C 424 2.89 8.17 -18.37
N HIS C 425 2.83 8.64 -17.13
CA HIS C 425 1.58 9.17 -16.59
C HIS C 425 1.38 10.62 -17.00
N GLN C 426 2.40 11.46 -16.79
CA GLN C 426 2.33 12.88 -17.12
C GLN C 426 2.70 13.17 -18.57
N ALA C 427 2.74 12.14 -19.42
CA ALA C 427 3.08 12.36 -20.82
C ALA C 427 1.94 13.06 -21.53
N PRO C 428 2.20 14.15 -22.27
CA PRO C 428 1.11 14.86 -22.96
C PRO C 428 0.57 14.09 -24.16
N TYR C 503 -36.34 -19.61 -23.57
CA TYR C 503 -37.75 -19.95 -23.47
C TYR C 503 -38.55 -18.82 -22.83
N LYS C 504 -39.85 -18.76 -23.13
CA LYS C 504 -40.71 -17.73 -22.59
C LYS C 504 -42.13 -18.26 -22.52
N LEU C 505 -42.91 -17.69 -21.61
CA LEU C 505 -44.30 -18.07 -21.39
C LEU C 505 -45.20 -16.86 -21.60
N VAL C 506 -46.36 -17.10 -22.21
CA VAL C 506 -47.37 -16.07 -22.43
C VAL C 506 -48.69 -16.57 -21.89
N ILE C 507 -49.34 -15.75 -21.07
CA ILE C 507 -50.61 -16.09 -20.45
C ILE C 507 -51.67 -15.11 -20.97
N ASN C 508 -52.86 -15.64 -21.25
CA ASN C 508 -53.97 -14.84 -21.76
C ASN C 508 -55.25 -15.20 -21.02
N GLY C 509 -55.17 -15.36 -19.71
CA GLY C 509 -56.33 -15.70 -18.92
C GLY C 509 -57.38 -14.61 -18.91
N LYS C 510 -58.46 -14.88 -18.19
CA LYS C 510 -59.56 -13.92 -18.11
C LYS C 510 -59.17 -12.71 -17.27
N THR C 511 -58.36 -12.91 -16.23
CA THR C 511 -57.93 -11.83 -15.34
C THR C 511 -56.44 -11.56 -15.39
N LEU C 512 -55.61 -12.60 -15.59
CA LEU C 512 -54.16 -12.46 -15.63
C LEU C 512 -53.69 -12.67 -17.06
N LYS C 513 -53.08 -11.63 -17.64
CA LYS C 513 -52.57 -11.68 -19.00
C LYS C 513 -51.23 -10.98 -19.05
N GLY C 514 -50.38 -11.46 -19.95
CA GLY C 514 -49.06 -10.88 -20.14
C GLY C 514 -48.06 -11.96 -20.51
N GLU C 515 -46.79 -11.67 -20.22
CA GLU C 515 -45.69 -12.59 -20.50
C GLU C 515 -44.79 -12.71 -19.28
N THR C 516 -44.03 -13.79 -19.24
CA THR C 516 -43.12 -14.05 -18.14
C THR C 516 -42.06 -15.04 -18.61
N THR C 517 -41.03 -15.21 -17.78
CA THR C 517 -39.94 -16.13 -18.09
C THR C 517 -39.74 -17.11 -16.95
N ALA C 523 -37.69 -29.52 -23.72
CA ALA C 523 -38.49 -28.36 -23.37
C ALA C 523 -39.36 -28.65 -22.15
N GLU C 524 -39.58 -29.94 -21.87
CA GLU C 524 -40.40 -30.31 -20.72
C GLU C 524 -39.80 -29.81 -19.42
N THR C 525 -38.46 -29.80 -19.32
CA THR C 525 -37.81 -29.32 -18.10
C THR C 525 -38.23 -27.90 -17.77
N ALA C 526 -38.47 -27.06 -18.79
CA ALA C 526 -38.93 -25.70 -18.58
C ALA C 526 -40.45 -25.60 -18.66
N GLU C 527 -41.08 -26.46 -19.43
CA GLU C 527 -42.54 -26.43 -19.54
C GLU C 527 -43.20 -26.77 -18.21
N LYS C 528 -42.62 -27.71 -17.46
CA LYS C 528 -43.17 -28.04 -16.15
C LYS C 528 -43.06 -26.86 -15.19
N ALA C 529 -41.91 -26.16 -15.22
CA ALA C 529 -41.76 -24.98 -14.38
C ALA C 529 -42.74 -23.89 -14.77
N PHE C 530 -42.94 -23.70 -16.08
CA PHE C 530 -43.91 -22.70 -16.54
C PHE C 530 -45.33 -23.06 -16.09
N LYS C 531 -45.68 -24.35 -16.17
CA LYS C 531 -47.00 -24.79 -15.71
C LYS C 531 -47.16 -24.57 -14.21
N GLN C 532 -46.11 -24.86 -13.43
CA GLN C 532 -46.17 -24.62 -11.99
C GLN C 532 -46.35 -23.14 -11.70
N TYR C 533 -45.62 -22.28 -12.42
CA TYR C 533 -45.77 -20.83 -12.24
C TYR C 533 -47.18 -20.39 -12.56
N ALA C 534 -47.73 -20.87 -13.69
CA ALA C 534 -49.10 -20.51 -14.05
C ALA C 534 -50.09 -20.97 -12.99
N ASN C 535 -49.86 -22.16 -12.41
CA ASN C 535 -50.73 -22.64 -11.35
C ASN C 535 -50.63 -21.74 -10.12
N ASP C 536 -49.42 -21.29 -9.78
CA ASP C 536 -49.27 -20.38 -8.66
C ASP C 536 -49.89 -19.02 -8.93
N ASN C 537 -50.16 -18.69 -10.20
CA ASN C 537 -50.79 -17.43 -10.55
C ASN C 537 -52.32 -17.52 -10.60
N GLY C 538 -52.88 -18.68 -10.31
CA GLY C 538 -54.33 -18.84 -10.33
C GLY C 538 -54.91 -18.73 -11.73
N THR C 551 -41.93 -20.32 -28.45
CA THR C 551 -42.71 -19.57 -27.47
C THR C 551 -43.96 -20.35 -27.07
N PHE C 552 -44.12 -20.56 -25.77
CA PHE C 552 -45.26 -21.29 -25.22
C PHE C 552 -46.30 -20.30 -24.72
N THR C 553 -47.53 -20.45 -25.18
CA THR C 553 -48.64 -19.57 -24.82
C THR C 553 -49.79 -20.40 -24.28
N VAL C 554 -50.39 -19.92 -23.19
CA VAL C 554 -51.53 -20.57 -22.54
C VAL C 554 -52.63 -19.54 -22.39
N THR C 555 -53.87 -19.97 -22.64
CA THR C 555 -55.03 -19.11 -22.53
C THR C 555 -56.13 -19.82 -21.75
N GLU C 556 -57.09 -19.02 -21.28
CA GLU C 556 -58.21 -19.55 -20.51
C GLU C 556 -59.54 -19.05 -21.07
N ASP D 20 -31.12 18.68 -21.97
CA ASP D 20 -30.26 18.80 -20.76
C ASP D 20 -29.42 17.54 -20.56
N VAL D 21 -28.52 17.58 -19.58
CA VAL D 21 -27.67 16.42 -19.31
C VAL D 21 -28.55 15.26 -18.86
N GLN D 22 -28.30 14.09 -19.45
CA GLN D 22 -29.05 12.88 -19.15
C GLN D 22 -28.09 11.70 -19.02
N LEU D 23 -28.30 10.90 -17.98
CA LEU D 23 -27.50 9.70 -17.73
C LEU D 23 -28.43 8.55 -17.40
N VAL D 24 -28.25 7.42 -18.11
CA VAL D 24 -29.04 6.23 -17.88
C VAL D 24 -28.10 5.06 -17.64
N GLU D 25 -28.54 4.12 -16.81
CA GLU D 25 -27.74 2.96 -16.44
C GLU D 25 -28.49 1.68 -16.81
N SER D 26 -27.74 0.62 -17.06
CA SER D 26 -28.31 -0.67 -17.42
C SER D 26 -27.31 -1.77 -17.12
N GLY D 27 -27.78 -3.01 -17.18
CA GLY D 27 -26.95 -4.17 -16.92
C GLY D 27 -27.20 -4.83 -15.58
N GLY D 28 -27.98 -4.21 -14.71
CA GLY D 28 -28.25 -4.79 -13.42
C GLY D 28 -29.20 -5.98 -13.50
N GLY D 29 -29.27 -6.71 -12.40
CA GLY D 29 -30.13 -7.88 -12.34
C GLY D 29 -29.71 -8.78 -11.18
N LEU D 30 -30.00 -10.07 -11.35
CA LEU D 30 -29.68 -11.09 -10.35
C LEU D 30 -28.49 -11.91 -10.85
N VAL D 31 -27.41 -11.90 -10.08
CA VAL D 31 -26.20 -12.63 -10.41
C VAL D 31 -25.76 -13.43 -9.19
N GLN D 32 -24.99 -14.50 -9.44
CA GLN D 32 -24.51 -15.33 -8.35
C GLN D 32 -23.20 -14.80 -7.80
N PRO D 33 -22.88 -15.10 -6.54
CA PRO D 33 -21.59 -14.64 -5.99
C PRO D 33 -20.42 -15.18 -6.79
N GLY D 34 -19.45 -14.30 -7.04
CA GLY D 34 -18.26 -14.66 -7.79
C GLY D 34 -18.37 -14.50 -9.29
N LYS D 35 -19.56 -14.25 -9.82
CA LYS D 35 -19.75 -14.08 -11.25
C LYS D 35 -19.45 -12.65 -11.67
N SER D 36 -19.18 -12.47 -12.96
CA SER D 36 -18.87 -11.17 -13.51
C SER D 36 -20.14 -10.46 -13.97
N LEU D 37 -20.07 -9.13 -14.01
CA LEU D 37 -21.20 -8.32 -14.44
C LEU D 37 -20.68 -7.03 -15.06
N ARG D 38 -21.16 -6.72 -16.26
CA ARG D 38 -20.72 -5.54 -17.01
C ARG D 38 -21.85 -4.52 -16.99
N LEU D 39 -21.80 -3.60 -16.02
CA LEU D 39 -22.77 -2.52 -15.97
C LEU D 39 -22.40 -1.44 -16.98
N SER D 40 -23.41 -0.94 -17.70
CA SER D 40 -23.20 0.05 -18.73
C SER D 40 -23.97 1.31 -18.39
N CYS D 41 -23.48 2.44 -18.89
CA CYS D 41 -24.11 3.74 -18.67
C CYS D 41 -24.00 4.57 -19.94
N ALA D 42 -25.12 5.14 -20.36
CA ALA D 42 -25.18 5.99 -21.55
C ALA D 42 -25.43 7.42 -21.12
N ALA D 43 -24.63 8.35 -21.65
CA ALA D 43 -24.74 9.77 -21.36
C ALA D 43 -25.12 10.52 -22.62
N SER D 44 -25.91 11.58 -22.44
CA SER D 44 -26.36 12.40 -23.57
C SER D 44 -26.57 13.83 -23.09
N GLY D 45 -26.56 14.76 -24.04
CA GLY D 45 -26.79 16.16 -23.75
C GLY D 45 -25.55 16.98 -23.43
N PHE D 46 -24.37 16.40 -23.55
CA PHE D 46 -23.13 17.13 -23.25
C PHE D 46 -21.96 16.38 -23.84
N THR D 47 -20.80 17.02 -23.81
CA THR D 47 -19.56 16.45 -24.33
C THR D 47 -19.03 15.45 -23.32
N PHE D 48 -19.46 14.19 -23.46
CA PHE D 48 -19.04 13.11 -22.58
C PHE D 48 -17.53 13.01 -22.51
N SER D 49 -16.85 13.24 -23.63
CA SER D 49 -15.40 13.09 -23.68
C SER D 49 -14.67 14.08 -22.78
N ASN D 50 -15.35 15.13 -22.33
CA ASN D 50 -14.68 16.18 -21.56
C ASN D 50 -14.73 15.91 -20.06
N PHE D 51 -15.86 15.40 -19.56
CA PHE D 51 -16.08 15.24 -18.13
C PHE D 51 -15.70 13.83 -17.68
N GLY D 52 -15.08 13.75 -16.50
CA GLY D 52 -14.83 12.47 -15.88
C GLY D 52 -16.11 11.86 -15.33
N MET D 53 -16.03 10.58 -14.99
CA MET D 53 -17.19 9.84 -14.54
C MET D 53 -16.90 9.14 -13.21
N HIS D 54 -17.96 8.91 -12.45
CA HIS D 54 -17.90 8.24 -11.17
C HIS D 54 -19.01 7.20 -11.06
N TRP D 55 -18.65 6.01 -10.61
CA TRP D 55 -19.60 4.97 -10.24
C TRP D 55 -19.71 4.94 -8.72
N VAL D 56 -20.93 5.15 -8.21
CA VAL D 56 -21.21 5.16 -6.79
C VAL D 56 -22.25 4.08 -6.50
N ARG D 57 -22.27 3.58 -5.27
CA ARG D 57 -23.24 2.58 -4.85
C ARG D 57 -23.84 2.97 -3.52
N GLN D 58 -25.11 2.62 -3.34
CA GLN D 58 -25.86 2.92 -2.12
C GLN D 58 -26.62 1.68 -1.67
N ALA D 59 -26.57 1.40 -0.37
CA ALA D 59 -27.28 0.28 0.22
C ALA D 59 -27.74 0.68 1.62
N PRO D 60 -28.81 0.06 2.12
CA PRO D 60 -29.29 0.43 3.47
C PRO D 60 -28.28 0.17 4.57
N GLU D 61 -27.37 -0.79 4.39
CA GLU D 61 -26.42 -1.14 5.44
C GLU D 61 -25.19 -0.25 5.43
N MET D 62 -24.94 0.50 4.35
CA MET D 62 -23.77 1.37 4.26
C MET D 62 -24.07 2.76 3.72
N GLY D 63 -25.30 3.02 3.26
CA GLY D 63 -25.58 4.31 2.68
C GLY D 63 -24.80 4.52 1.40
N LEU D 64 -24.66 5.80 1.03
CA LEU D 64 -23.91 6.15 -0.17
C LEU D 64 -22.44 5.80 0.02
N GLU D 65 -21.84 5.26 -1.04
CA GLU D 65 -20.45 4.83 -1.00
C GLU D 65 -19.86 4.91 -2.40
N TRP D 66 -18.92 5.81 -2.60
CA TRP D 66 -18.27 5.94 -3.90
C TRP D 66 -17.48 4.67 -4.21
N VAL D 67 -17.64 4.18 -5.44
CA VAL D 67 -17.03 2.93 -5.87
C VAL D 67 -15.77 3.18 -6.70
N ALA D 68 -15.90 3.90 -7.81
CA ALA D 68 -14.79 4.10 -8.73
C ALA D 68 -14.92 5.42 -9.46
N TYR D 69 -13.81 5.87 -10.04
CA TYR D 69 -13.77 7.11 -10.80
C TYR D 69 -12.81 6.96 -11.96
N ILE D 70 -13.19 7.50 -13.11
CA ILE D 70 -12.36 7.51 -14.31
C ILE D 70 -12.28 8.94 -14.83
N SER D 71 -11.12 9.32 -15.35
CA SER D 71 -10.91 10.66 -15.84
C SER D 71 -11.45 10.82 -17.26
N SER D 72 -11.28 12.02 -17.81
CA SER D 72 -11.78 12.29 -19.16
C SER D 72 -11.05 11.43 -20.19
N GLY D 73 -9.73 11.40 -20.14
CA GLY D 73 -8.92 10.64 -21.08
C GLY D 73 -8.54 9.26 -20.62
N SER D 74 -9.15 8.74 -19.54
CA SER D 74 -8.84 7.41 -19.04
C SER D 74 -7.38 7.26 -18.65
N THR D 75 -6.73 8.37 -18.30
CA THR D 75 -5.33 8.33 -17.91
C THR D 75 -5.17 7.88 -16.46
N THR D 76 -6.00 8.41 -15.57
CA THR D 76 -5.97 8.06 -14.15
C THR D 76 -7.32 7.46 -13.75
N LYS D 77 -7.27 6.32 -13.07
CA LYS D 77 -8.46 5.63 -12.59
C LYS D 77 -8.29 5.34 -11.11
N TYR D 78 -9.32 5.65 -10.32
CA TYR D 78 -9.29 5.45 -8.88
C TYR D 78 -10.40 4.48 -8.49
N TYR D 79 -10.12 3.66 -7.48
CA TYR D 79 -11.06 2.68 -6.98
C TYR D 79 -11.15 2.78 -5.46
N GLY D 80 -12.24 2.23 -4.92
CA GLY D 80 -12.46 2.24 -3.50
C GLY D 80 -11.48 1.33 -2.77
N ASP D 81 -11.55 1.38 -1.43
CA ASP D 81 -10.66 0.57 -0.62
C ASP D 81 -11.11 -0.88 -0.57
N THR D 82 -12.43 -1.12 -0.59
CA THR D 82 -12.98 -2.46 -0.53
C THR D 82 -13.29 -3.04 -1.90
N VAL D 83 -12.97 -2.33 -2.98
CA VAL D 83 -13.27 -2.78 -4.33
C VAL D 83 -12.07 -2.72 -5.25
N LYS D 84 -10.91 -2.28 -4.77
CA LYS D 84 -9.73 -2.20 -5.62
C LYS D 84 -9.30 -3.58 -6.07
N GLY D 85 -9.09 -3.74 -7.38
CA GLY D 85 -8.69 -4.99 -7.96
C GLY D 85 -9.83 -5.86 -8.44
N ARG D 86 -10.99 -5.79 -7.78
CA ARG D 86 -12.14 -6.59 -8.16
C ARG D 86 -12.96 -5.92 -9.27
N PHE D 87 -13.08 -4.60 -9.23
CA PHE D 87 -13.83 -3.85 -10.23
C PHE D 87 -12.88 -3.15 -11.19
N THR D 88 -13.39 -2.86 -12.39
CA THR D 88 -12.61 -2.18 -13.42
C THR D 88 -13.51 -1.21 -14.15
N ILE D 89 -13.14 0.08 -14.13
CA ILE D 89 -13.92 1.13 -14.78
C ILE D 89 -13.26 1.47 -16.11
N SER D 90 -14.09 1.77 -17.12
CA SER D 90 -13.58 2.14 -18.42
C SER D 90 -14.64 2.98 -19.13
N ARG D 91 -14.25 3.56 -20.27
CA ARG D 91 -15.16 4.41 -21.03
C ARG D 91 -14.82 4.33 -22.51
N ASP D 92 -15.86 4.43 -23.34
CA ASP D 92 -15.75 4.48 -24.79
C ASP D 92 -16.30 5.84 -25.23
N ASN D 93 -15.40 6.76 -25.57
CA ASN D 93 -15.82 8.09 -25.96
C ASN D 93 -16.47 8.14 -27.33
N PRO D 94 -15.97 7.45 -28.36
CA PRO D 94 -16.64 7.51 -29.67
C PRO D 94 -18.11 7.19 -29.63
N LYS D 95 -18.57 6.41 -28.65
CA LYS D 95 -19.97 6.07 -28.50
C LYS D 95 -20.59 6.68 -27.24
N ASN D 96 -19.83 7.45 -26.48
CA ASN D 96 -20.33 8.09 -25.27
C ASN D 96 -20.93 7.07 -24.31
N THR D 97 -20.10 6.14 -23.86
CA THR D 97 -20.54 5.07 -22.98
C THR D 97 -19.53 4.88 -21.86
N LEU D 98 -20.02 4.45 -20.69
CA LEU D 98 -19.20 4.12 -19.55
C LEU D 98 -19.47 2.67 -19.13
N TYR D 99 -18.43 1.96 -18.72
CA TYR D 99 -18.54 0.55 -18.40
C TYR D 99 -17.87 0.28 -17.06
N LEU D 100 -18.48 -0.62 -16.29
CA LEU D 100 -17.95 -1.07 -15.01
C LEU D 100 -18.03 -2.60 -15.00
N GLN D 101 -16.87 -3.25 -15.04
CA GLN D 101 -16.79 -4.70 -14.98
C GLN D 101 -16.53 -5.11 -13.54
N MET D 102 -17.51 -5.78 -12.92
CA MET D 102 -17.40 -6.26 -11.56
C MET D 102 -17.09 -7.74 -11.59
N ASN D 103 -16.07 -8.16 -10.85
CA ASN D 103 -15.64 -9.54 -10.78
C ASN D 103 -15.48 -9.95 -9.33
N SER D 104 -15.60 -11.26 -9.08
CA SER D 104 -15.50 -11.81 -7.73
C SER D 104 -16.50 -11.12 -6.80
N LEU D 105 -17.75 -11.08 -7.24
CA LEU D 105 -18.79 -10.40 -6.47
C LEU D 105 -19.01 -11.10 -5.14
N ARG D 106 -18.91 -10.34 -4.05
CA ARG D 106 -19.15 -10.84 -2.71
C ARG D 106 -20.59 -10.54 -2.30
N SER D 107 -20.93 -10.90 -1.06
CA SER D 107 -22.28 -10.70 -0.57
C SER D 107 -22.58 -9.23 -0.27
N GLU D 108 -21.54 -8.40 -0.10
CA GLU D 108 -21.76 -7.00 0.24
C GLU D 108 -21.92 -6.11 -0.98
N ASP D 109 -21.69 -6.65 -2.18
CA ASP D 109 -21.73 -5.86 -3.40
C ASP D 109 -23.15 -5.52 -3.85
N THR D 110 -24.17 -6.08 -3.21
CA THR D 110 -25.55 -5.76 -3.58
C THR D 110 -25.88 -4.32 -3.19
N ALA D 111 -26.35 -3.54 -4.16
CA ALA D 111 -26.64 -2.14 -3.91
C ALA D 111 -27.22 -1.52 -5.19
N MET D 112 -27.69 -0.28 -5.05
CA MET D 112 -28.10 0.51 -6.21
C MET D 112 -26.91 1.33 -6.69
N TYR D 113 -26.53 1.15 -7.95
CA TYR D 113 -25.35 1.78 -8.52
C TYR D 113 -25.79 2.94 -9.41
N TYR D 114 -25.20 4.11 -9.18
CA TYR D 114 -25.46 5.31 -9.96
C TYR D 114 -24.19 5.77 -10.66
N CYS D 115 -24.37 6.42 -11.81
CA CYS D 115 -23.27 7.09 -12.48
C CYS D 115 -23.43 8.60 -12.36
N ALA D 116 -22.31 9.29 -12.18
CA ALA D 116 -22.33 10.74 -11.96
C ALA D 116 -21.15 11.39 -12.67
N ARG D 117 -21.43 12.45 -13.41
CA ARG D 117 -20.36 13.17 -14.08
C ARG D 117 -19.60 14.05 -13.08
N ARG D 118 -18.41 14.47 -13.49
CA ARG D 118 -17.58 15.36 -12.69
C ARG D 118 -17.36 16.67 -13.44
N PRO D 119 -17.80 17.80 -12.90
CA PRO D 119 -17.57 19.08 -13.59
C PRO D 119 -16.10 19.29 -13.90
N LEU D 120 -15.85 20.09 -14.93
CA LEU D 120 -14.48 20.30 -15.40
C LEU D 120 -13.70 21.15 -14.42
N TYR D 121 -12.52 20.66 -14.04
CA TYR D 121 -11.58 21.41 -13.20
C TYR D 121 -12.24 21.88 -11.91
N ASP D 122 -12.69 20.91 -11.11
CA ASP D 122 -13.28 21.25 -9.82
C ASP D 122 -12.33 21.99 -8.89
N GLY D 123 -11.02 21.88 -9.12
CA GLY D 123 -10.07 22.59 -8.28
C GLY D 123 -10.14 24.09 -8.43
N ASP D 124 -10.58 24.58 -9.59
CA ASP D 124 -10.65 26.01 -9.83
C ASP D 124 -12.06 26.55 -9.55
N TYR D 125 -13.09 25.77 -9.88
CA TYR D 125 -14.47 26.21 -9.73
C TYR D 125 -15.19 25.54 -8.55
N GLY D 126 -14.70 24.40 -8.07
CA GLY D 126 -15.28 23.77 -6.91
C GLY D 126 -16.58 23.02 -7.14
N TYR D 127 -17.06 22.96 -8.38
CA TYR D 127 -18.31 22.26 -8.67
C TYR D 127 -18.11 20.76 -8.54
N PRO D 128 -18.77 20.10 -7.58
CA PRO D 128 -18.62 18.65 -7.44
C PRO D 128 -19.58 17.91 -8.36
N MET D 129 -19.61 16.59 -8.23
CA MET D 129 -20.53 15.76 -9.00
C MET D 129 -21.95 16.27 -8.80
N ASP D 130 -22.61 16.63 -9.92
CA ASP D 130 -23.93 17.26 -9.86
C ASP D 130 -25.01 16.39 -10.50
N TYR D 131 -24.80 15.91 -11.72
CA TYR D 131 -25.80 15.15 -12.45
C TYR D 131 -25.64 13.66 -12.14
N TRP D 132 -26.74 13.03 -11.72
CA TRP D 132 -26.75 11.60 -11.40
C TRP D 132 -27.74 10.89 -12.31
N GLY D 133 -27.44 9.62 -12.60
CA GLY D 133 -28.29 8.82 -13.46
C GLY D 133 -29.50 8.28 -12.71
N GLN D 134 -30.18 7.35 -13.38
CA GLN D 134 -31.37 6.73 -12.79
C GLN D 134 -31.00 5.64 -11.79
N GLY D 135 -29.90 4.93 -12.01
CA GLY D 135 -29.44 3.90 -11.10
C GLY D 135 -29.95 2.52 -11.44
N THR D 136 -29.12 1.51 -11.22
CA THR D 136 -29.47 0.12 -11.47
C THR D 136 -29.22 -0.69 -10.19
N SER D 137 -30.20 -1.49 -9.80
CA SER D 137 -30.07 -2.28 -8.58
C SER D 137 -29.45 -3.64 -8.91
N VAL D 138 -28.34 -3.97 -8.23
CA VAL D 138 -27.65 -5.23 -8.40
C VAL D 138 -27.77 -6.01 -7.10
N THR D 139 -28.24 -7.25 -7.19
CA THR D 139 -28.40 -8.13 -6.05
C THR D 139 -27.62 -9.42 -6.28
N VAL D 140 -26.93 -9.88 -5.24
CA VAL D 140 -26.10 -11.07 -5.30
C VAL D 140 -26.68 -12.10 -4.33
N SER D 141 -26.88 -13.32 -4.83
CA SER D 141 -27.43 -14.41 -4.03
C SER D 141 -27.38 -15.68 -4.86
N SER D 142 -27.40 -16.82 -4.15
CA SER D 142 -27.35 -18.12 -4.80
C SER D 142 -28.73 -18.63 -5.21
N ALA D 143 -29.79 -17.95 -4.82
CA ALA D 143 -31.13 -18.38 -5.18
C ALA D 143 -31.42 -18.07 -6.64
N SER D 144 -32.39 -18.80 -7.19
CA SER D 144 -32.80 -18.63 -8.58
C SER D 144 -33.93 -17.62 -8.68
N THR D 145 -34.07 -17.04 -9.88
CA THR D 145 -35.11 -16.06 -10.12
C THR D 145 -36.49 -16.72 -10.01
N LYS D 146 -37.51 -15.88 -9.80
CA LYS D 146 -38.88 -16.35 -9.65
C LYS D 146 -39.82 -15.25 -10.07
N GLY D 147 -40.77 -15.57 -10.95
CA GLY D 147 -41.72 -14.60 -11.44
C GLY D 147 -42.72 -14.21 -10.38
N PRO D 148 -43.23 -12.97 -10.44
CA PRO D 148 -44.19 -12.52 -9.43
C PRO D 148 -45.60 -13.01 -9.73
N SER D 149 -46.37 -13.18 -8.67
CA SER D 149 -47.77 -13.58 -8.74
C SER D 149 -48.65 -12.47 -8.21
N VAL D 150 -49.69 -12.13 -8.95
CA VAL D 150 -50.58 -11.01 -8.63
C VAL D 150 -51.89 -11.57 -8.10
N PHE D 151 -52.43 -10.88 -7.09
CA PHE D 151 -53.73 -11.24 -6.50
C PHE D 151 -54.55 -9.98 -6.37
N PRO D 152 -55.68 -9.85 -7.07
CA PRO D 152 -56.49 -8.63 -6.98
C PRO D 152 -57.41 -8.66 -5.77
N LEU D 153 -57.31 -7.65 -4.92
CA LEU D 153 -58.14 -7.50 -3.73
C LEU D 153 -59.16 -6.41 -4.01
N ALA D 154 -60.41 -6.82 -4.29
CA ALA D 154 -61.48 -5.87 -4.59
C ALA D 154 -62.25 -5.51 -3.32
N PRO D 155 -62.86 -4.33 -3.28
CA PRO D 155 -63.63 -3.91 -2.10
C PRO D 155 -64.92 -4.70 -1.93
N ALA D 165 -64.28 3.96 -1.50
CA ALA D 165 -63.95 2.90 -2.44
C ALA D 165 -62.44 2.81 -2.64
N ALA D 166 -61.94 1.58 -2.70
CA ALA D 166 -60.51 1.35 -2.88
C ALA D 166 -60.30 -0.10 -3.27
N LEU D 167 -59.33 -0.33 -4.18
CA LEU D 167 -58.99 -1.67 -4.63
C LEU D 167 -57.48 -1.79 -4.69
N GLY D 168 -56.97 -2.99 -4.38
CA GLY D 168 -55.55 -3.21 -4.31
C GLY D 168 -55.13 -4.45 -5.08
N CYS D 169 -53.82 -4.62 -5.16
CA CYS D 169 -53.22 -5.80 -5.79
C CYS D 169 -52.00 -6.20 -4.99
N LEU D 170 -51.95 -7.49 -4.61
CA LEU D 170 -50.86 -8.04 -3.82
C LEU D 170 -49.92 -8.80 -4.74
N VAL D 171 -48.65 -8.40 -4.75
CA VAL D 171 -47.61 -9.05 -5.54
C VAL D 171 -46.79 -9.90 -4.57
N LYS D 172 -46.83 -11.22 -4.77
CA LYS D 172 -46.17 -12.16 -3.89
C LYS D 172 -45.33 -13.14 -4.70
N ASP D 173 -44.50 -13.90 -3.99
CA ASP D 173 -43.71 -14.98 -4.59
C ASP D 173 -42.77 -14.46 -5.67
N TYR D 174 -41.93 -13.50 -5.28
CA TYR D 174 -40.89 -12.97 -6.16
C TYR D 174 -39.65 -12.69 -5.32
N PHE D 175 -38.54 -13.34 -5.66
CA PHE D 175 -37.31 -13.22 -4.90
C PHE D 175 -36.56 -11.92 -5.24
N PRO D 176 -36.39 -11.59 -6.52
CA PRO D 176 -35.65 -10.37 -6.85
C PRO D 176 -36.39 -9.13 -6.40
N GLU D 177 -35.61 -8.11 -6.01
CA GLU D 177 -36.21 -6.88 -5.50
C GLU D 177 -36.74 -5.99 -6.62
N PRO D 178 -36.01 -5.75 -7.71
CA PRO D 178 -36.49 -4.81 -8.73
C PRO D 178 -37.87 -5.21 -9.26
N VAL D 179 -38.85 -4.35 -9.02
CA VAL D 179 -40.22 -4.57 -9.49
C VAL D 179 -40.96 -3.23 -9.37
N THR D 180 -41.85 -2.98 -10.32
CA THR D 180 -42.62 -1.75 -10.35
C THR D 180 -44.07 -2.05 -10.71
N VAL D 181 -44.97 -1.19 -10.26
CA VAL D 181 -46.40 -1.31 -10.52
C VAL D 181 -46.93 0.04 -10.95
N SER D 182 -47.84 0.04 -11.93
CA SER D 182 -48.45 1.26 -12.44
C SER D 182 -49.94 1.03 -12.59
N TRP D 183 -50.74 1.84 -11.89
CA TRP D 183 -52.18 1.70 -11.93
C TRP D 183 -52.75 2.35 -13.19
N ASN D 184 -53.56 1.60 -13.92
CA ASN D 184 -54.18 2.09 -15.16
C ASN D 184 -53.12 2.61 -16.13
N SER D 185 -51.98 1.93 -16.16
CA SER D 185 -50.87 2.31 -17.05
C SER D 185 -50.40 3.73 -16.79
N GLY D 186 -50.55 4.19 -15.54
CA GLY D 186 -50.11 5.53 -15.19
C GLY D 186 -51.09 6.62 -15.53
N ALA D 187 -52.37 6.29 -15.68
CA ALA D 187 -53.36 7.31 -16.01
C ALA D 187 -53.58 8.29 -14.85
N LEU D 188 -53.47 7.80 -13.62
CA LEU D 188 -53.65 8.64 -12.44
C LEU D 188 -52.50 8.41 -11.48
N THR D 189 -52.26 9.40 -10.62
CA THR D 189 -51.17 9.34 -9.65
C THR D 189 -51.71 9.57 -8.24
N SER D 190 -52.75 10.40 -8.12
CA SER D 190 -53.32 10.69 -6.80
C SER D 190 -54.07 9.47 -6.26
N GLY D 191 -53.82 9.16 -5.00
CA GLY D 191 -54.47 8.06 -4.34
C GLY D 191 -53.79 6.71 -4.47
N VAL D 192 -52.63 6.65 -5.11
CA VAL D 192 -51.89 5.40 -5.28
C VAL D 192 -50.93 5.24 -4.10
N HIS D 193 -50.82 4.00 -3.61
CA HIS D 193 -49.91 3.69 -2.51
C HIS D 193 -49.28 2.34 -2.80
N THR D 194 -47.98 2.34 -3.07
CA THR D 194 -47.21 1.11 -3.29
C THR D 194 -46.39 0.85 -2.03
N PHE D 195 -46.84 -0.09 -1.21
CA PHE D 195 -46.18 -0.35 0.06
C PHE D 195 -44.82 -1.00 -0.18
N PRO D 196 -43.79 -0.61 0.59
CA PRO D 196 -42.47 -1.24 0.40
C PRO D 196 -42.52 -2.73 0.64
N ALA D 197 -41.74 -3.46 -0.15
CA ALA D 197 -41.69 -4.92 0.00
C ALA D 197 -40.98 -5.29 1.29
N VAL D 198 -41.27 -6.50 1.77
CA VAL D 198 -40.69 -7.02 3.00
C VAL D 198 -40.25 -8.46 2.76
N LEU D 199 -39.28 -8.89 3.55
CA LEU D 199 -38.73 -10.25 3.43
C LEU D 199 -39.74 -11.24 3.97
N GLN D 200 -40.31 -12.06 3.09
CA GLN D 200 -41.28 -13.06 3.52
C GLN D 200 -40.58 -14.19 4.25
N SER D 201 -41.37 -14.96 5.01
CA SER D 201 -40.81 -16.06 5.78
C SER D 201 -40.18 -17.13 4.89
N SER D 202 -40.65 -17.27 3.66
CA SER D 202 -40.12 -18.27 2.73
C SER D 202 -38.92 -17.76 1.94
N GLY D 203 -38.35 -16.61 2.32
CA GLY D 203 -37.21 -16.07 1.63
C GLY D 203 -37.54 -15.23 0.41
N LEU D 204 -38.82 -15.00 0.14
CA LEU D 204 -39.27 -14.20 -0.99
C LEU D 204 -39.74 -12.84 -0.50
N TYR D 205 -40.25 -12.03 -1.43
CA TYR D 205 -40.72 -10.68 -1.13
C TYR D 205 -42.19 -10.57 -1.49
N SER D 206 -42.86 -9.60 -0.87
CA SER D 206 -44.27 -9.35 -1.11
C SER D 206 -44.58 -7.88 -0.88
N LEU D 207 -45.40 -7.31 -1.76
CA LEU D 207 -45.79 -5.90 -1.65
C LEU D 207 -47.26 -5.76 -2.03
N SER D 208 -47.79 -4.57 -1.77
CA SER D 208 -49.18 -4.24 -2.07
C SER D 208 -49.24 -2.89 -2.76
N SER D 209 -50.09 -2.80 -3.78
CA SER D 209 -50.33 -1.54 -4.50
C SER D 209 -51.83 -1.28 -4.47
N VAL D 210 -52.23 -0.23 -3.76
CA VAL D 210 -53.64 0.07 -3.51
C VAL D 210 -53.98 1.44 -4.06
N VAL D 211 -55.15 1.56 -4.68
CA VAL D 211 -55.65 2.82 -5.19
C VAL D 211 -57.03 3.08 -4.60
N THR D 212 -57.28 4.33 -4.23
CA THR D 212 -58.53 4.76 -3.63
C THR D 212 -59.31 5.54 -4.69
N VAL D 213 -60.11 4.80 -5.46
CA VAL D 213 -60.92 5.40 -6.53
C VAL D 213 -62.06 6.19 -5.88
N PRO D 214 -62.57 7.24 -6.53
CA PRO D 214 -63.66 8.04 -5.96
C PRO D 214 -65.01 7.31 -6.01
N ILE D 224 -57.51 -2.18 -12.44
CA ILE D 224 -56.55 -2.78 -13.36
C ILE D 224 -55.23 -2.03 -13.28
N CYS D 225 -54.12 -2.77 -13.35
CA CYS D 225 -52.80 -2.16 -13.33
C CYS D 225 -51.85 -3.07 -14.11
N ASN D 226 -50.60 -2.62 -14.21
CA ASN D 226 -49.55 -3.37 -14.89
C ASN D 226 -48.33 -3.45 -13.99
N VAL D 227 -47.81 -4.65 -13.79
CA VAL D 227 -46.65 -4.89 -12.94
C VAL D 227 -45.51 -5.38 -13.83
N ASN D 228 -44.38 -4.69 -13.74
CA ASN D 228 -43.18 -5.02 -14.52
C ASN D 228 -42.08 -5.50 -13.58
N HIS D 229 -41.38 -6.55 -14.01
CA HIS D 229 -40.30 -7.16 -13.23
C HIS D 229 -39.18 -7.50 -14.20
N LYS D 230 -38.14 -6.68 -14.23
CA LYS D 230 -37.06 -6.80 -15.20
C LYS D 230 -36.17 -7.99 -14.92
N PRO D 231 -35.73 -8.22 -13.68
CA PRO D 231 -34.84 -9.37 -13.42
C PRO D 231 -35.38 -10.68 -13.97
N SER D 232 -36.70 -10.86 -13.98
CA SER D 232 -37.32 -12.04 -14.57
C SER D 232 -38.04 -11.74 -15.88
N ASN D 233 -38.10 -10.48 -16.29
CA ASN D 233 -38.69 -10.07 -17.57
C ASN D 233 -40.16 -10.54 -17.66
N THR D 234 -40.96 -9.99 -16.76
CA THR D 234 -42.38 -10.30 -16.69
C THR D 234 -43.20 -9.03 -16.65
N LYS D 235 -44.16 -8.92 -17.57
CA LYS D 235 -45.10 -7.79 -17.62
C LYS D 235 -46.50 -8.38 -17.46
N VAL D 236 -47.03 -8.32 -16.24
CA VAL D 236 -48.28 -8.98 -15.91
C VAL D 236 -49.36 -7.92 -15.69
N ASP D 237 -50.61 -8.32 -15.95
CA ASP D 237 -51.78 -7.48 -15.74
C ASP D 237 -52.57 -8.03 -14.55
N LYS D 238 -52.75 -7.19 -13.53
CA LYS D 238 -53.44 -7.65 -12.32
C LYS D 238 -54.89 -8.00 -12.61
N LYS D 239 -55.55 -7.22 -13.46
CA LYS D 239 -56.95 -7.46 -13.78
C LYS D 239 -57.33 -6.82 -15.11
N ASN E 21 -9.28 8.94 1.93
CA ASN E 21 -10.47 8.28 2.54
C ASN E 21 -10.85 8.98 3.85
N ILE E 22 -11.26 10.25 3.74
CA ILE E 22 -11.65 11.02 4.90
C ILE E 22 -13.06 10.62 5.30
N MET E 23 -13.24 10.28 6.58
CA MET E 23 -14.53 9.85 7.09
C MET E 23 -15.29 11.03 7.66
N LEU E 24 -16.60 11.04 7.42
CA LEU E 24 -17.49 12.08 7.91
C LEU E 24 -18.58 11.46 8.78
N THR E 25 -19.11 12.25 9.71
CA THR E 25 -20.13 11.78 10.63
C THR E 25 -21.23 12.83 10.73
N GLN E 26 -22.48 12.35 10.84
CA GLN E 26 -23.64 13.22 11.00
C GLN E 26 -24.31 12.88 12.32
N SER E 27 -24.27 13.82 13.27
CA SER E 27 -24.85 13.57 14.58
C SER E 27 -26.34 13.28 14.52
N PRO E 28 -27.17 14.03 13.78
CA PRO E 28 -28.60 13.71 13.73
C PRO E 28 -28.87 12.53 12.82
N SER E 29 -29.21 11.39 13.42
CA SER E 29 -29.51 10.20 12.63
C SER E 29 -30.91 10.28 12.04
N SER E 30 -31.91 10.58 12.85
CA SER E 30 -33.28 10.71 12.39
C SER E 30 -34.03 11.66 13.33
N LEU E 31 -34.62 12.71 12.76
CA LEU E 31 -35.36 13.69 13.53
C LEU E 31 -36.57 14.14 12.73
N ALA E 32 -37.57 14.65 13.45
CA ALA E 32 -38.82 15.11 12.85
C ALA E 32 -39.14 16.50 13.41
N VAL E 33 -39.48 17.42 12.52
CA VAL E 33 -39.81 18.80 12.90
C VAL E 33 -41.08 19.21 12.17
N SER E 34 -41.78 20.19 12.75
CA SER E 34 -43.00 20.68 12.15
C SER E 34 -42.70 21.53 10.91
N ALA E 35 -43.74 21.73 10.10
CA ALA E 35 -43.58 22.51 8.89
C ALA E 35 -43.27 23.97 9.22
N GLY E 36 -42.29 24.53 8.51
CA GLY E 36 -41.89 25.91 8.72
C GLY E 36 -40.95 26.13 9.89
N GLU E 37 -40.65 25.09 10.67
CA GLU E 37 -39.75 25.24 11.81
C GLU E 37 -38.31 25.27 11.35
N ARG E 38 -37.51 26.13 11.99
CA ARG E 38 -36.10 26.24 11.66
C ARG E 38 -35.35 25.03 12.20
N VAL E 39 -34.70 24.28 11.30
CA VAL E 39 -33.97 23.08 11.67
C VAL E 39 -32.51 23.24 11.26
N THR E 40 -31.64 22.47 11.92
CA THR E 40 -30.22 22.52 11.64
C THR E 40 -29.63 21.14 11.85
N MET E 41 -28.61 20.82 11.05
CA MET E 41 -27.91 19.55 11.13
C MET E 41 -26.41 19.80 11.06
N SER E 42 -25.67 19.14 11.95
CA SER E 42 -24.22 19.31 12.06
C SER E 42 -23.50 18.13 11.40
N CYS E 43 -22.27 18.40 10.96
CA CYS E 43 -21.43 17.40 10.33
C CYS E 43 -20.01 17.54 10.86
N LYS E 44 -19.41 16.41 11.22
CA LYS E 44 -18.07 16.37 11.80
C LYS E 44 -17.14 15.64 10.85
N SER E 45 -15.94 16.19 10.66
CA SER E 45 -14.92 15.59 9.81
C SER E 45 -13.76 15.09 10.66
N THR E 46 -13.09 14.05 10.16
CA THR E 46 -11.96 13.49 10.88
C THR E 46 -10.69 14.31 10.72
N GLN E 47 -10.60 15.14 9.69
CA GLN E 47 -9.43 15.98 9.47
C GLN E 47 -9.85 17.21 8.68
N SER E 48 -8.93 18.16 8.57
CA SER E 48 -9.19 19.39 7.83
C SER E 48 -9.26 19.09 6.33
N ILE E 49 -10.16 19.78 5.64
CA ILE E 49 -10.35 19.60 4.20
C ILE E 49 -10.24 20.95 3.51
N LEU E 50 -9.47 21.86 4.09
CA LEU E 50 -9.29 23.19 3.52
C LEU E 50 -8.19 23.16 2.47
N TYR E 51 -8.46 23.76 1.31
CA TYR E 51 -7.50 23.83 0.22
C TYR E 51 -6.68 25.10 0.36
N ASN E 52 -5.35 24.96 0.34
CA ASN E 52 -4.47 26.10 0.58
C ASN E 52 -4.35 27.00 -0.64
N SER E 53 -4.68 26.50 -1.84
CA SER E 53 -4.52 27.30 -3.04
C SER E 53 -5.59 28.39 -3.13
N ASN E 54 -6.86 27.99 -3.15
CA ASN E 54 -7.98 28.93 -3.25
C ASN E 54 -8.55 29.33 -1.90
N GLN E 55 -8.10 28.71 -0.81
CA GLN E 55 -8.58 29.04 0.53
C GLN E 55 -10.08 28.74 0.65
N LYS E 56 -10.53 27.67 0.00
CA LYS E 56 -11.91 27.26 0.01
C LYS E 56 -12.04 25.88 0.64
N THR E 57 -13.02 25.74 1.55
CA THR E 57 -13.28 24.45 2.18
C THR E 57 -14.10 23.59 1.22
N TYR E 58 -13.62 22.37 0.97
CA TYR E 58 -14.23 21.49 -0.03
C TYR E 58 -15.19 20.53 0.67
N LEU E 59 -16.46 20.95 0.76
CA LEU E 59 -17.51 20.12 1.32
C LEU E 59 -18.82 20.48 0.63
N ALA E 60 -19.67 19.47 0.44
CA ALA E 60 -20.93 19.64 -0.27
C ALA E 60 -22.01 18.82 0.41
N TRP E 61 -23.26 19.20 0.14
CA TRP E 61 -24.43 18.53 0.67
C TRP E 61 -25.33 18.09 -0.48
N TYR E 62 -25.89 16.89 -0.35
CA TYR E 62 -26.78 16.32 -1.36
C TYR E 62 -28.10 15.93 -0.71
N GLN E 63 -29.18 16.07 -1.47
CA GLN E 63 -30.53 15.75 -1.02
C GLN E 63 -31.07 14.61 -1.87
N GLN E 64 -31.47 13.53 -1.23
CA GLN E 64 -32.01 12.35 -1.90
C GLN E 64 -33.41 12.10 -1.38
N LYS E 65 -34.41 12.32 -2.22
CA LYS E 65 -35.79 12.07 -1.83
C LYS E 65 -36.10 10.58 -1.95
N PRO E 66 -37.14 10.10 -1.27
CA PRO E 66 -37.51 8.67 -1.38
C PRO E 66 -37.81 8.30 -2.83
N GLY E 67 -36.99 7.39 -3.37
CA GLY E 67 -37.17 6.97 -4.74
C GLY E 67 -36.57 7.89 -5.77
N GLN E 68 -35.48 8.60 -5.43
CA GLN E 68 -34.83 9.51 -6.35
C GLN E 68 -33.33 9.52 -6.07
N SER E 69 -32.57 10.04 -7.03
CA SER E 69 -31.14 10.13 -6.87
C SER E 69 -30.77 11.39 -6.08
N PRO E 70 -29.58 11.44 -5.49
CA PRO E 70 -29.18 12.63 -4.74
C PRO E 70 -29.20 13.87 -5.60
N LYS E 71 -29.47 15.01 -4.95
CA LYS E 71 -29.52 16.30 -5.60
C LYS E 71 -28.58 17.26 -4.89
N LEU E 72 -27.67 17.86 -5.64
CA LEU E 72 -26.71 18.79 -5.05
C LEU E 72 -27.41 20.08 -4.63
N LEU E 73 -27.27 20.44 -3.36
CA LEU E 73 -27.87 21.65 -2.81
C LEU E 73 -26.83 22.75 -2.61
N ILE E 74 -25.76 22.46 -1.88
CA ILE E 74 -24.72 23.43 -1.57
C ILE E 74 -23.37 22.78 -1.79
N TYR E 75 -22.43 23.56 -2.32
CA TYR E 75 -21.05 23.13 -2.51
C TYR E 75 -20.11 24.18 -1.93
N TRP E 76 -18.89 23.76 -1.63
CA TRP E 76 -17.89 24.60 -0.98
C TRP E 76 -18.31 25.01 0.44
N ALA E 77 -19.43 24.45 0.93
CA ALA E 77 -19.90 24.69 2.29
C ALA E 77 -20.39 26.12 2.50
N SER E 78 -20.28 26.97 1.48
CA SER E 78 -20.70 28.36 1.57
C SER E 78 -21.49 28.86 0.37
N THR E 79 -21.36 28.24 -0.79
CA THR E 79 -22.01 28.71 -2.01
C THR E 79 -23.16 27.78 -2.37
N ARG E 80 -24.36 28.36 -2.49
CA ARG E 80 -25.54 27.60 -2.86
C ARG E 80 -25.56 27.34 -4.36
N ALA E 81 -26.03 26.16 -4.74
CA ALA E 81 -26.10 25.78 -6.14
C ALA E 81 -27.25 26.51 -6.83
N SER E 82 -27.35 26.32 -8.14
CA SER E 82 -28.39 26.97 -8.93
C SER E 82 -29.71 26.21 -8.78
N GLY E 83 -30.81 26.97 -8.71
CA GLY E 83 -32.13 26.39 -8.55
C GLY E 83 -32.48 25.95 -7.16
N VAL E 84 -31.55 26.02 -6.22
CA VAL E 84 -31.82 25.58 -4.85
C VAL E 84 -32.50 26.73 -4.09
N PRO E 85 -33.59 26.48 -3.38
CA PRO E 85 -34.22 27.56 -2.62
C PRO E 85 -33.25 28.19 -1.62
N ASP E 86 -33.56 29.42 -1.25
CA ASP E 86 -32.68 30.17 -0.36
C ASP E 86 -32.79 29.73 1.10
N ARG E 87 -33.78 28.91 1.44
CA ARG E 87 -33.92 28.49 2.84
C ARG E 87 -32.75 27.65 3.30
N PHE E 88 -32.10 26.92 2.39
CA PHE E 88 -30.94 26.11 2.72
C PHE E 88 -29.71 26.99 2.84
N THR E 89 -29.02 26.91 3.97
CA THR E 89 -27.82 27.70 4.21
C THR E 89 -26.74 26.80 4.80
N GLY E 90 -25.53 26.92 4.27
CA GLY E 90 -24.39 26.14 4.74
C GLY E 90 -23.34 27.04 5.36
N SER E 91 -22.80 26.61 6.50
CA SER E 91 -21.79 27.38 7.21
C SER E 91 -20.87 26.41 7.93
N GLY E 92 -19.86 26.96 8.60
CA GLY E 92 -18.89 26.18 9.35
C GLY E 92 -17.50 26.29 8.75
N SER E 93 -16.59 25.53 9.34
CA SER E 93 -15.19 25.53 8.91
C SER E 93 -14.48 24.39 9.64
N GLY E 94 -13.18 24.27 9.39
CA GLY E 94 -12.37 23.25 10.01
C GLY E 94 -12.94 21.85 9.81
N THR E 95 -13.43 21.25 10.89
CA THR E 95 -14.06 19.94 10.83
C THR E 95 -15.55 19.98 11.18
N ASP E 96 -16.08 21.15 11.52
CA ASP E 96 -17.47 21.29 11.93
C ASP E 96 -18.22 22.10 10.89
N PHE E 97 -19.24 21.49 10.28
CA PHE E 97 -20.08 22.16 9.29
C PHE E 97 -21.53 22.08 9.75
N THR E 98 -22.35 22.98 9.21
CA THR E 98 -23.75 23.10 9.61
C THR E 98 -24.61 23.43 8.41
N LEU E 99 -25.71 22.72 8.27
CA LEU E 99 -26.71 22.98 7.23
C LEU E 99 -28.03 23.33 7.92
N THR E 100 -28.56 24.51 7.62
CA THR E 100 -29.73 25.05 8.29
C THR E 100 -30.83 25.30 7.27
N ILE E 101 -32.07 24.99 7.66
CA ILE E 101 -33.26 25.27 6.86
C ILE E 101 -34.15 26.16 7.73
N ASN E 102 -34.34 27.40 7.30
CA ASN E 102 -35.12 28.35 8.09
C ASN E 102 -36.61 28.00 8.08
N SER E 103 -37.10 27.44 6.98
CA SER E 103 -38.51 27.07 6.86
C SER E 103 -38.57 25.76 6.08
N VAL E 104 -38.65 24.64 6.81
CA VAL E 104 -38.72 23.33 6.18
C VAL E 104 -40.10 23.15 5.56
N GLN E 105 -40.15 23.01 4.24
CA GLN E 105 -41.40 22.80 3.53
C GLN E 105 -41.73 21.32 3.47
N PRO E 106 -43.01 20.97 3.26
CA PRO E 106 -43.36 19.55 3.14
C PRO E 106 -42.64 18.85 2.01
N GLU E 107 -42.25 19.58 0.97
CA GLU E 107 -41.51 18.99 -0.14
C GLU E 107 -40.06 18.71 0.21
N ASP E 108 -39.56 19.23 1.33
CA ASP E 108 -38.17 19.05 1.73
C ASP E 108 -37.93 17.73 2.47
N LEU E 109 -38.93 16.84 2.52
CA LEU E 109 -38.78 15.55 3.19
C LEU E 109 -37.85 14.68 2.34
N ALA E 110 -36.60 14.52 2.80
CA ALA E 110 -35.60 13.77 2.07
C ALA E 110 -34.44 13.47 3.01
N VAL E 111 -33.42 12.80 2.49
CA VAL E 111 -32.23 12.44 3.24
C VAL E 111 -31.10 13.36 2.81
N TYR E 112 -30.41 13.94 3.78
CA TYR E 112 -29.31 14.87 3.53
C TYR E 112 -27.99 14.16 3.79
N TYR E 113 -27.12 14.14 2.78
CA TYR E 113 -25.82 13.47 2.87
C TYR E 113 -24.70 14.48 2.69
N CYS E 114 -23.71 14.43 3.58
CA CYS E 114 -22.50 15.23 3.44
C CYS E 114 -21.46 14.47 2.62
N HIS E 115 -20.73 15.21 1.79
CA HIS E 115 -19.76 14.58 0.90
C HIS E 115 -18.57 15.53 0.73
N GLN E 116 -17.38 14.95 0.62
CA GLN E 116 -16.16 15.69 0.40
C GLN E 116 -15.48 15.20 -0.87
N TYR E 117 -14.95 16.13 -1.66
CA TYR E 117 -14.31 15.80 -2.92
C TYR E 117 -12.88 16.31 -3.02
N LEU E 118 -12.29 16.79 -1.93
CA LEU E 118 -10.87 17.14 -1.94
C LEU E 118 -10.01 15.88 -1.97
N SER E 119 -10.16 15.03 -0.96
CA SER E 119 -9.50 13.75 -0.92
C SER E 119 -10.41 12.70 -1.55
N ALA E 120 -10.09 11.42 -1.36
CA ALA E 120 -10.92 10.34 -1.90
C ALA E 120 -12.38 10.58 -1.57
N TRP E 121 -13.23 10.48 -2.58
CA TRP E 121 -14.64 10.79 -2.42
C TRP E 121 -15.31 9.81 -1.46
N THR E 122 -15.88 10.34 -0.38
CA THR E 122 -16.59 9.54 0.60
C THR E 122 -17.88 10.24 0.98
N PHE E 123 -18.86 9.45 1.43
CA PHE E 123 -20.16 9.96 1.81
C PHE E 123 -20.45 9.62 3.27
N GLY E 124 -21.25 10.46 3.92
CA GLY E 124 -21.61 10.27 5.31
C GLY E 124 -22.73 9.26 5.48
N GLY E 125 -23.20 9.17 6.72
CA GLY E 125 -24.28 8.24 7.02
C GLY E 125 -25.65 8.72 6.57
N GLY E 126 -25.84 10.03 6.49
CA GLY E 126 -27.10 10.58 6.06
C GLY E 126 -27.99 10.99 7.22
N THR E 127 -28.76 12.07 7.03
CA THR E 127 -29.66 12.59 8.05
C THR E 127 -31.09 12.48 7.51
N LYS E 128 -31.88 11.59 8.11
CA LYS E 128 -33.26 11.39 7.71
C LYS E 128 -34.15 12.44 8.38
N LEU E 129 -34.85 13.24 7.58
CA LEU E 129 -35.71 14.30 8.08
C LEU E 129 -37.16 13.93 7.83
N GLU E 130 -38.02 14.17 8.81
CA GLU E 130 -39.44 13.91 8.71
C GLU E 130 -40.21 15.17 9.08
N ILE E 131 -41.47 15.22 8.66
CA ILE E 131 -42.33 16.37 8.86
C ILE E 131 -43.36 16.04 9.92
N LYS E 132 -43.44 16.87 10.95
CA LYS E 132 -44.46 16.73 11.98
C LYS E 132 -45.69 17.55 11.62
N ARG E 133 -46.87 17.00 11.94
CA ARG E 133 -48.13 17.66 11.63
C ARG E 133 -49.17 17.23 12.65
N THR E 134 -50.42 17.62 12.40
CA THR E 134 -51.50 17.26 13.31
C THR E 134 -51.74 15.74 13.29
N VAL E 135 -52.52 15.28 14.26
CA VAL E 135 -52.85 13.86 14.39
C VAL E 135 -54.02 13.59 13.46
N ALA E 136 -53.73 13.01 12.29
CA ALA E 136 -54.76 12.69 11.32
C ALA E 136 -55.37 11.32 11.61
N ALA E 137 -56.68 11.21 11.39
CA ALA E 137 -57.37 9.96 11.65
C ALA E 137 -57.13 8.97 10.51
N PRO E 138 -56.90 7.69 10.80
CA PRO E 138 -56.67 6.73 9.74
C PRO E 138 -57.97 6.17 9.16
N SER E 139 -57.93 5.84 7.88
CA SER E 139 -59.05 5.19 7.20
C SER E 139 -58.74 3.70 7.09
N VAL E 140 -59.61 2.87 7.66
CA VAL E 140 -59.38 1.43 7.78
C VAL E 140 -60.12 0.71 6.65
N PHE E 141 -59.52 -0.38 6.18
CA PHE E 141 -60.11 -1.21 5.14
C PHE E 141 -59.60 -2.63 5.30
N ILE E 142 -60.40 -3.60 4.84
CA ILE E 142 -60.06 -5.00 4.94
C ILE E 142 -60.38 -5.68 3.62
N PHE E 143 -59.56 -6.67 3.24
CA PHE E 143 -59.73 -7.42 2.01
C PHE E 143 -59.41 -8.89 2.28
N PRO E 144 -60.37 -9.79 2.14
CA PRO E 144 -60.07 -11.22 2.31
C PRO E 144 -59.23 -11.73 1.16
N PRO E 145 -58.69 -12.95 1.26
CA PRO E 145 -57.90 -13.49 0.16
C PRO E 145 -58.77 -13.87 -1.02
N SER E 146 -58.29 -13.55 -2.22
CA SER E 146 -59.03 -13.86 -3.43
C SER E 146 -59.02 -15.36 -3.71
N ASP E 147 -59.86 -15.78 -4.65
CA ASP E 147 -59.91 -17.18 -5.02
C ASP E 147 -58.59 -17.65 -5.63
N GLU E 148 -57.94 -16.79 -6.40
CA GLU E 148 -56.66 -17.16 -6.99
C GLU E 148 -55.60 -17.37 -5.93
N GLN E 149 -55.69 -16.65 -4.81
CA GLN E 149 -54.75 -16.85 -3.72
C GLN E 149 -55.06 -18.12 -2.94
N LEU E 150 -56.35 -18.40 -2.73
CA LEU E 150 -56.75 -19.62 -2.04
C LEU E 150 -56.44 -20.86 -2.86
N LYS E 151 -56.38 -20.74 -4.19
CA LYS E 151 -56.03 -21.89 -5.02
C LYS E 151 -54.66 -22.44 -4.65
N SER E 152 -53.68 -21.55 -4.44
CA SER E 152 -52.35 -21.99 -4.05
C SER E 152 -52.30 -22.47 -2.61
N GLY E 153 -53.32 -22.16 -1.80
CA GLY E 153 -53.38 -22.57 -0.41
C GLY E 153 -53.19 -21.43 0.58
N THR E 154 -52.93 -20.21 0.12
CA THR E 154 -52.73 -19.07 1.00
C THR E 154 -54.07 -18.39 1.29
N ALA E 155 -54.33 -18.13 2.57
CA ALA E 155 -55.54 -17.46 3.02
C ALA E 155 -55.20 -16.26 3.89
N SER E 156 -54.23 -15.46 3.46
CA SER E 156 -53.78 -14.32 4.25
C SER E 156 -54.68 -13.12 3.97
N VAL E 157 -55.45 -12.71 4.99
CA VAL E 157 -56.26 -11.51 4.86
C VAL E 157 -55.37 -10.29 4.86
N VAL E 158 -55.82 -9.21 4.21
CA VAL E 158 -55.04 -7.99 4.07
C VAL E 158 -55.79 -6.86 4.77
N CYS E 159 -55.14 -6.25 5.75
CA CYS E 159 -55.68 -5.07 6.42
C CYS E 159 -54.88 -3.85 5.98
N LEU E 160 -55.58 -2.73 5.80
CA LEU E 160 -54.96 -1.52 5.29
C LEU E 160 -55.46 -0.33 6.10
N LEU E 161 -54.57 0.60 6.41
CA LEU E 161 -54.90 1.78 7.21
C LEU E 161 -54.18 2.97 6.59
N ASN E 162 -54.94 3.75 5.83
CA ASN E 162 -54.39 4.89 5.10
C ASN E 162 -54.41 6.14 5.95
N ASN E 163 -53.44 7.03 5.71
CA ASN E 163 -53.43 8.37 6.30
C ASN E 163 -53.11 8.33 7.79
N PHE E 164 -52.11 7.52 8.17
CA PHE E 164 -51.57 7.58 9.52
C PHE E 164 -50.57 8.73 9.65
N TYR E 165 -50.73 9.53 10.70
CA TYR E 165 -49.69 10.50 11.04
C TYR E 165 -48.56 9.79 11.78
N PRO E 166 -48.85 8.96 12.78
CA PRO E 166 -47.78 8.17 13.42
C PRO E 166 -47.43 6.95 12.61
N ARG E 167 -46.16 6.54 12.70
CA ARG E 167 -45.70 5.36 11.97
C ARG E 167 -46.23 4.07 12.58
N GLU E 168 -46.75 4.09 13.80
CA GLU E 168 -47.24 2.90 14.48
C GLU E 168 -48.77 2.91 14.47
N ALA E 169 -49.36 1.75 14.20
CA ALA E 169 -50.81 1.62 14.16
C ALA E 169 -51.35 1.26 15.54
N ASN E 183 -47.03 -14.75 12.75
CA ASN E 183 -47.25 -15.09 11.35
C ASN E 183 -47.67 -13.87 10.53
N SER E 184 -47.74 -12.72 11.18
CA SER E 184 -48.16 -11.48 10.55
C SER E 184 -46.96 -10.62 10.20
N GLN E 185 -47.05 -9.92 9.07
CA GLN E 185 -46.02 -8.99 8.63
C GLN E 185 -46.69 -7.73 8.10
N GLU E 186 -46.06 -6.58 8.39
CA GLU E 186 -46.62 -5.28 8.05
C GLU E 186 -45.58 -4.45 7.31
N SER E 187 -46.08 -3.51 6.51
CA SER E 187 -45.27 -2.59 5.74
C SER E 187 -45.92 -1.21 5.75
N VAL E 188 -45.10 -0.18 5.96
CA VAL E 188 -45.56 1.20 6.03
C VAL E 188 -45.00 1.96 4.85
N THR E 189 -45.83 2.80 4.24
CA THR E 189 -45.37 3.64 3.14
C THR E 189 -44.55 4.81 3.69
N GLU E 190 -43.55 5.23 2.91
CA GLU E 190 -42.77 6.39 3.29
C GLU E 190 -43.67 7.62 3.37
N GLN E 191 -43.32 8.52 4.28
CA GLN E 191 -44.12 9.73 4.48
C GLN E 191 -44.13 10.56 3.21
N ASP E 192 -45.29 10.62 2.56
CA ASP E 192 -45.41 11.37 1.32
C ASP E 192 -45.15 12.85 1.56
N SER E 193 -44.50 13.49 0.58
CA SER E 193 -44.15 14.90 0.66
C SER E 193 -45.28 15.82 0.21
N LYS E 194 -46.51 15.32 0.15
CA LYS E 194 -47.66 16.11 -0.24
C LYS E 194 -48.67 16.27 0.89
N ASP E 195 -48.96 15.19 1.62
CA ASP E 195 -49.86 15.23 2.77
C ASP E 195 -49.17 14.96 4.09
N SER E 196 -47.95 14.42 4.07
CA SER E 196 -47.19 14.15 5.29
C SER E 196 -47.89 13.13 6.18
N THR E 197 -48.46 12.09 5.59
CA THR E 197 -49.17 11.06 6.32
C THR E 197 -48.72 9.68 5.85
N TYR E 198 -48.56 8.77 6.81
CA TYR E 198 -48.15 7.41 6.53
C TYR E 198 -49.34 6.53 6.18
N SER E 199 -49.05 5.37 5.59
CA SER E 199 -50.06 4.38 5.29
C SER E 199 -49.50 2.98 5.57
N LEU E 200 -50.26 2.20 6.33
CA LEU E 200 -49.81 0.89 6.78
C LEU E 200 -50.64 -0.22 6.14
N SER E 201 -50.00 -1.37 5.97
CA SER E 201 -50.68 -2.58 5.53
C SER E 201 -50.13 -3.76 6.30
N SER E 202 -51.00 -4.74 6.58
CA SER E 202 -50.62 -5.93 7.32
C SER E 202 -51.25 -7.15 6.67
N THR E 203 -50.50 -8.26 6.66
CA THR E 203 -50.96 -9.50 6.08
C THR E 203 -50.49 -10.66 6.95
N LEU E 204 -51.20 -11.78 6.85
CA LEU E 204 -50.86 -12.96 7.62
C LEU E 204 -49.72 -13.73 6.95
C1 GLC F . 33.40 18.84 -31.88
C2 GLC F . 32.39 18.04 -32.70
C3 GLC F . 31.19 17.48 -31.93
C4 GLC F . 31.25 17.57 -30.40
C5 GLC F . 32.39 18.42 -29.85
C6 GLC F . 32.70 18.08 -28.39
O1 GLC F . 32.97 20.20 -31.72
O2 GLC F . 31.90 18.90 -33.74
O3 GLC F . 31.02 16.10 -32.31
O4 GLC F . 30.01 18.14 -29.96
O5 GLC F . 33.56 18.21 -30.61
O6 GLC F . 32.24 19.12 -27.54
C1 GLC F . 29.10 17.17 -29.34
C2 GLC F . 27.61 17.39 -29.57
C3 GLC F . 27.03 18.38 -28.56
C4 GLC F . 27.46 18.02 -27.14
C5 GLC F . 28.95 17.71 -27.06
C6 GLC F . 29.33 17.21 -25.67
O2 GLC F . 27.39 17.88 -30.88
O3 GLC F . 25.63 18.38 -28.65
O4 GLC F . 27.15 19.10 -26.28
O5 GLC F . 29.30 16.74 -28.02
O6 GLC F . 29.11 18.23 -24.72
N1 7LD G . 17.37 -32.11 34.04
N3 7LD G . 17.72 -34.96 42.75
C4 7LD G . 18.03 -34.45 34.37
C5 7LD G . 18.25 -35.42 35.36
C6 7LD G . 17.67 -33.79 36.99
C7 7LD G . 17.13 -31.66 36.15
C8 7LD G . 17.05 -31.16 34.92
C10 7LD G . 17.46 -34.27 39.36
C13 7LD G . 17.76 -32.43 40.85
C15 7LD G . 16.87 -31.15 37.42
C17 7LD G . 16.46 -34.43 43.31
C20 7LD G . 19.63 -34.99 44.31
N2 7LD G . 17.06 -31.60 39.86
C12 7LD G . 17.40 -30.18 40.09
C11 7LD G . 17.56 -31.96 38.53
C3 7LD G . 17.50 -32.93 36.01
C1 7LD G . 17.66 -33.22 34.72
C2 7LD G . 18.07 -35.08 36.70
C9 7LD G . 17.50 -33.35 38.31
C14 7LD G . 17.33 -33.88 40.69
C16 7LD G . 18.14 -34.71 41.50
O1 7LD G . 19.20 -35.15 41.05
C19 7LD G . 18.50 -35.80 43.67
C18 7LD G . 15.55 -35.62 43.65
#